data_7KXT
#
_entry.id   7KXT
#
_cell.length_a   81.470
_cell.length_b   49.940
_cell.length_c   105.320
_cell.angle_alpha   90.000
_cell.angle_beta   105.110
_cell.angle_gamma   90.000
#
_symmetry.space_group_name_H-M   'P 1 21 1'
#
loop_
_entity.id
_entity.type
_entity.pdbx_description
1 polymer 'Polycomb protein EED'
2 non-polymer 1-[(4-fluorophenyl)methyl]-N-{1-[2-(4-methoxyphenyl)ethyl]piperidin-4-yl}-1H-benzimidazol-2-amine
3 non-polymer 'UNKNOWN ATOM OR ION'
4 water water
#
_entity_poly.entity_id   1
_entity_poly.type   'polypeptide(L)'
_entity_poly.pdbx_seq_one_letter_code
;DAVSIESGTNTERPDTPTNTPNAPGRKSWGKGKWKSKKCKYSFKCVNSLKEDHNQPLFGVQFNWHSKEGDPLVFATVGSN
RVTLYECHSQGEIRLLQSYVDADADENFYTCAWTYDSNTSHPLLAVAGSRGIIRIINPITMQCIKHYVGHGNAINELKFH
PRDPNLLLSVSKDHALRLWNIQTDTLVAIFGGVEGHRDEVLSADYDLLGEKIMSCGMDHSLKLWRINSKRMMNAIKESYD
YNPNKTNRPFISQKIHFPDFSTRDIHRNYVDCVRWLGDLILSKSCENAIVCWKPGKMEDDIDKIKPSESNVTILGRFDYS
QCDIWYMRFSMDFWQKMLALGNQVGKLYVWDLEVEDPHKAKCTTLTHHKCGAAIRQTSFSRDSSILIAVCDDASIWRWDR
LR
;
_entity_poly.pdbx_strand_id   A,B
#
loop_
_chem_comp.id
_chem_comp.type
_chem_comp.name
_chem_comp.formula
UNX non-polymer 'UNKNOWN ATOM OR ION' ?
XB7 non-polymer 1-[(4-fluorophenyl)methyl]-N-{1-[2-(4-methoxyphenyl)ethyl]piperidin-4-yl}-1H-benzimidazol-2-amine 'C28 H31 F N4 O'
#
# COMPACT_ATOMS: atom_id res chain seq x y z
N LYS A 38 -9.33 -15.38 -8.40
CA LYS A 38 -10.42 -15.55 -7.43
C LYS A 38 -9.99 -15.05 -6.04
N CYS A 39 -10.94 -14.42 -5.34
CA CYS A 39 -10.71 -14.06 -3.95
C CYS A 39 -10.54 -15.33 -3.12
N LYS A 40 -9.62 -15.28 -2.15
CA LYS A 40 -9.24 -16.46 -1.38
C LYS A 40 -10.21 -16.78 -0.25
N TYR A 41 -11.29 -16.01 -0.10
CA TYR A 41 -12.27 -16.21 0.96
C TYR A 41 -13.53 -16.77 0.31
N SER A 42 -13.85 -18.03 0.62
CA SER A 42 -15.04 -18.71 0.13
C SER A 42 -16.02 -18.88 1.29
N PHE A 43 -17.30 -18.65 1.01
CA PHE A 43 -18.37 -18.87 1.99
C PHE A 43 -19.43 -19.76 1.37
N LYS A 44 -20.11 -20.51 2.22
CA LYS A 44 -21.28 -21.29 1.81
C LYS A 44 -22.46 -20.86 2.67
N CYS A 45 -23.62 -20.70 2.02
CA CYS A 45 -24.83 -20.35 2.74
C CYS A 45 -25.37 -21.58 3.45
N VAL A 46 -25.46 -21.52 4.77
CA VAL A 46 -25.89 -22.67 5.56
C VAL A 46 -27.29 -22.50 6.12
N ASN A 47 -27.82 -21.29 6.21
CA ASN A 47 -29.15 -21.15 6.79
C ASN A 47 -29.73 -19.78 6.49
N SER A 48 -31.05 -19.70 6.64
CA SER A 48 -31.75 -18.44 6.53
C SER A 48 -33.02 -18.52 7.37
N LEU A 49 -33.59 -17.36 7.66
CA LEU A 49 -34.89 -17.27 8.31
C LEU A 49 -35.45 -15.88 8.05
N LYS A 50 -36.76 -15.75 8.25
CA LYS A 50 -37.49 -14.50 8.08
C LYS A 50 -38.17 -14.15 9.40
N GLU A 51 -38.05 -12.90 9.83
CA GLU A 51 -38.68 -12.49 11.06
C GLU A 51 -40.18 -12.20 10.85
N ASP A 52 -40.97 -12.50 11.90
CA ASP A 52 -42.43 -12.50 11.79
C ASP A 52 -43.00 -11.12 11.50
N HIS A 53 -42.31 -10.04 11.88
CA HIS A 53 -42.85 -8.70 11.68
C HIS A 53 -42.79 -8.24 10.23
N ASN A 54 -41.99 -8.88 9.38
CA ASN A 54 -41.91 -8.59 7.94
C ASN A 54 -41.47 -7.15 7.64
N GLN A 55 -40.87 -6.41 8.61
CA GLN A 55 -40.33 -5.08 8.38
C GLN A 55 -38.85 -5.16 8.02
N PRO A 56 -38.31 -4.16 7.34
CA PRO A 56 -36.86 -4.16 7.07
C PRO A 56 -36.02 -4.31 8.33
N LEU A 57 -35.06 -5.22 8.29
CA LEU A 57 -34.02 -5.24 9.32
C LEU A 57 -32.92 -4.30 8.88
N PHE A 58 -32.64 -3.28 9.70
CA PHE A 58 -31.67 -2.26 9.34
C PHE A 58 -30.29 -2.52 9.93
N GLY A 59 -30.19 -3.21 11.06
CA GLY A 59 -28.90 -3.43 11.69
C GLY A 59 -28.72 -4.86 12.14
N VAL A 60 -27.46 -5.27 12.21
CA VAL A 60 -27.06 -6.58 12.73
C VAL A 60 -25.66 -6.43 13.29
N GLN A 61 -25.40 -6.98 14.48
CA GLN A 61 -24.10 -6.88 15.15
C GLN A 61 -23.80 -8.15 15.93
N PHE A 62 -22.74 -8.88 15.56
CA PHE A 62 -22.20 -9.88 16.47
C PHE A 62 -21.64 -9.20 17.71
N ASN A 63 -21.70 -9.91 18.84
CA ASN A 63 -21.09 -9.43 20.07
C ASN A 63 -19.64 -9.90 20.09
N TRP A 64 -18.71 -8.96 19.91
CA TRP A 64 -17.30 -9.27 19.96
C TRP A 64 -16.73 -9.27 21.36
N HIS A 65 -17.55 -9.19 22.41
CA HIS A 65 -17.07 -9.18 23.80
C HIS A 65 -17.39 -10.47 24.54
N SER A 66 -17.63 -11.58 23.83
CA SER A 66 -17.99 -12.82 24.51
C SER A 66 -16.80 -13.76 24.57
N LYS A 67 -16.79 -14.61 25.60
CA LYS A 67 -15.64 -15.47 25.85
C LYS A 67 -15.44 -16.49 24.74
N GLU A 68 -14.17 -16.69 24.35
CA GLU A 68 -13.82 -17.74 23.39
C GLU A 68 -14.08 -19.11 23.99
N GLY A 69 -15.36 -19.47 24.08
CA GLY A 69 -15.85 -20.60 24.86
C GLY A 69 -17.34 -20.42 24.98
N ASP A 70 -17.75 -19.15 25.05
CA ASP A 70 -19.16 -18.79 25.09
C ASP A 70 -19.72 -18.88 23.67
N PRO A 71 -21.03 -19.02 23.53
CA PRO A 71 -21.60 -19.16 22.19
C PRO A 71 -21.70 -17.85 21.44
N LEU A 72 -21.60 -17.95 20.11
CA LEU A 72 -21.59 -16.77 19.25
C LEU A 72 -22.99 -16.16 19.16
N VAL A 73 -23.12 -14.89 19.52
CA VAL A 73 -24.41 -14.22 19.61
C VAL A 73 -24.37 -12.96 18.76
N PHE A 74 -25.44 -12.73 17.99
CA PHE A 74 -25.61 -11.49 17.27
C PHE A 74 -27.02 -10.96 17.49
N ALA A 75 -27.18 -9.65 17.34
CA ALA A 75 -28.45 -8.97 17.44
C ALA A 75 -28.84 -8.40 16.08
N THR A 76 -30.13 -8.39 15.80
CA THR A 76 -30.72 -7.70 14.65
C THR A 76 -31.72 -6.67 15.15
N VAL A 77 -31.88 -5.57 14.40
CA VAL A 77 -32.85 -4.54 14.75
C VAL A 77 -33.63 -4.11 13.51
N GLY A 78 -34.91 -3.88 13.71
CA GLY A 78 -35.80 -3.38 12.70
C GLY A 78 -37.17 -3.30 13.33
N SER A 79 -38.05 -2.51 12.70
CA SER A 79 -39.35 -2.21 13.31
C SER A 79 -39.14 -1.68 14.72
N ASN A 80 -40.01 -2.05 15.65
CA ASN A 80 -39.78 -1.74 17.06
C ASN A 80 -39.17 -2.92 17.81
N ARG A 81 -38.35 -3.72 17.12
CA ARG A 81 -37.89 -5.02 17.62
C ARG A 81 -36.38 -5.07 17.69
N VAL A 82 -35.88 -5.73 18.74
CA VAL A 82 -34.49 -6.14 18.86
C VAL A 82 -34.49 -7.63 19.21
N THR A 83 -33.78 -8.43 18.41
CA THR A 83 -33.80 -9.87 18.58
C THR A 83 -32.37 -10.39 18.69
N LEU A 84 -32.15 -11.31 19.64
CA LEU A 84 -30.87 -12.00 19.77
C LEU A 84 -30.94 -13.40 19.17
N TYR A 85 -29.87 -13.81 18.49
CA TYR A 85 -29.73 -15.18 18.03
C TYR A 85 -28.37 -15.75 18.40
N GLU A 86 -28.31 -17.08 18.55
CA GLU A 86 -27.06 -17.82 18.72
C GLU A 86 -26.74 -18.65 17.48
N CYS A 87 -25.44 -18.77 17.19
CA CYS A 87 -24.97 -19.66 16.12
C CYS A 87 -24.42 -20.94 16.71
N HIS A 88 -24.86 -22.07 16.15
CA HIS A 88 -24.47 -23.39 16.61
C HIS A 88 -24.15 -24.28 15.42
N SER A 89 -23.76 -25.51 15.73
CA SER A 89 -23.40 -26.54 14.74
C SER A 89 -24.49 -26.76 13.69
N GLN A 90 -24.09 -27.36 12.57
CA GLN A 90 -24.97 -27.68 11.44
C GLN A 90 -25.68 -26.44 10.91
N GLY A 91 -25.10 -25.27 11.14
CA GLY A 91 -25.65 -24.04 10.62
C GLY A 91 -26.88 -23.52 11.32
N GLU A 92 -27.15 -23.98 12.55
CA GLU A 92 -28.35 -23.55 13.24
C GLU A 92 -28.26 -22.09 13.65
N ILE A 93 -29.35 -21.36 13.48
CA ILE A 93 -29.53 -20.03 14.04
C ILE A 93 -30.61 -20.15 15.11
N ARG A 94 -30.20 -20.12 16.38
CA ARG A 94 -31.11 -20.34 17.49
C ARG A 94 -31.65 -19.02 18.01
N LEU A 95 -32.96 -18.83 17.88
CA LEU A 95 -33.61 -17.67 18.46
C LEU A 95 -33.48 -17.70 19.98
N LEU A 96 -32.96 -16.62 20.56
CA LEU A 96 -32.80 -16.53 22.00
C LEU A 96 -33.96 -15.79 22.67
N GLN A 97 -34.13 -14.52 22.35
CA GLN A 97 -35.07 -13.68 23.06
C GLN A 97 -35.26 -12.39 22.26
N SER A 98 -36.43 -11.79 22.40
CA SER A 98 -36.78 -10.57 21.70
C SER A 98 -37.08 -9.45 22.69
N TYR A 99 -36.90 -8.22 22.22
CA TYR A 99 -37.41 -7.05 22.90
C TYR A 99 -38.32 -6.30 21.94
N VAL A 100 -39.55 -6.06 22.36
CA VAL A 100 -40.49 -5.23 21.62
C VAL A 100 -40.66 -3.95 22.41
N ASP A 101 -40.42 -2.82 21.76
CA ASP A 101 -40.61 -1.54 22.42
C ASP A 101 -42.09 -1.30 22.66
N ALA A 102 -42.40 -0.59 23.74
CA ALA A 102 -43.80 -0.27 24.03
C ALA A 102 -44.38 0.67 22.97
N ASP A 103 -43.54 1.53 22.40
CA ASP A 103 -43.96 2.45 21.35
C ASP A 103 -44.04 1.68 20.04
N ALA A 104 -45.27 1.48 19.56
CA ALA A 104 -45.46 0.70 18.34
C ALA A 104 -44.83 1.38 17.13
N ASP A 105 -44.67 2.70 17.17
CA ASP A 105 -44.17 3.44 16.02
C ASP A 105 -42.69 3.78 16.13
N GLU A 106 -41.98 3.25 17.12
CA GLU A 106 -40.52 3.32 17.08
C GLU A 106 -40.00 2.47 15.91
N ASN A 107 -38.92 2.93 15.32
CA ASN A 107 -38.25 2.21 14.23
C ASN A 107 -36.75 2.19 14.53
N PHE A 108 -36.24 1.04 14.96
CA PHE A 108 -34.84 0.94 15.33
C PHE A 108 -33.97 0.84 14.07
N TYR A 109 -32.89 1.61 14.06
CA TYR A 109 -31.98 1.58 12.92
C TYR A 109 -30.65 0.92 13.23
N THR A 110 -30.23 0.88 14.49
CA THR A 110 -28.85 0.49 14.78
C THR A 110 -28.74 -0.02 16.21
N CYS A 111 -27.69 -0.81 16.43
CA CYS A 111 -27.40 -1.31 17.77
C CYS A 111 -25.90 -1.47 17.93
N ALA A 112 -25.46 -1.51 19.18
CA ALA A 112 -24.05 -1.65 19.48
C ALA A 112 -23.89 -2.36 20.82
N TRP A 113 -22.90 -3.26 20.88
CA TRP A 113 -22.61 -4.02 22.10
C TRP A 113 -21.59 -3.30 22.97
N THR A 114 -21.74 -3.46 24.28
CA THR A 114 -20.68 -3.09 25.21
C THR A 114 -20.75 -4.03 26.41
N TYR A 115 -20.06 -3.66 27.49
CA TYR A 115 -20.15 -4.40 28.73
C TYR A 115 -20.04 -3.43 29.89
N ASP A 116 -20.59 -3.85 31.03
CA ASP A 116 -20.51 -3.08 32.27
C ASP A 116 -19.09 -3.23 32.84
N SER A 117 -18.41 -2.09 33.00
CA SER A 117 -17.10 -2.05 33.64
C SER A 117 -16.97 -2.99 34.83
N ASN A 118 -17.93 -2.96 35.74
CA ASN A 118 -17.83 -3.66 37.01
C ASN A 118 -18.28 -5.11 36.93
N THR A 119 -19.45 -5.38 36.32
CA THR A 119 -20.00 -6.73 36.31
C THR A 119 -19.42 -7.59 35.20
N SER A 120 -18.74 -6.99 34.22
CA SER A 120 -18.25 -7.63 33.00
C SER A 120 -19.37 -8.22 32.15
N HIS A 121 -20.63 -7.88 32.45
CA HIS A 121 -21.80 -8.45 31.80
C HIS A 121 -22.22 -7.63 30.59
N PRO A 122 -22.73 -8.29 29.55
CA PRO A 122 -22.92 -7.62 28.28
C PRO A 122 -24.07 -6.64 28.35
N LEU A 123 -23.97 -5.60 27.54
CA LEU A 123 -25.00 -4.58 27.40
C LEU A 123 -25.19 -4.27 25.93
N LEU A 124 -26.42 -3.95 25.54
CA LEU A 124 -26.73 -3.69 24.14
C LEU A 124 -27.45 -2.35 24.04
N ALA A 125 -26.90 -1.44 23.23
CA ALA A 125 -27.53 -0.15 22.98
C ALA A 125 -28.24 -0.18 21.64
N VAL A 126 -29.47 0.38 21.59
CA VAL A 126 -30.25 0.44 20.36
C VAL A 126 -30.89 1.80 20.21
N ALA A 127 -31.13 2.21 18.96
CA ALA A 127 -31.78 3.50 18.73
C ALA A 127 -32.33 3.56 17.32
N GLY A 128 -33.20 4.56 17.09
CA GLY A 128 -33.71 4.86 15.76
C GLY A 128 -34.51 6.15 15.62
N SER A 129 -35.69 6.06 15.00
CA SER A 129 -36.41 7.23 14.50
C SER A 129 -36.88 8.17 15.60
N ARG A 130 -37.10 7.65 16.82
CA ARG A 130 -37.54 8.53 17.91
C ARG A 130 -36.40 9.28 18.57
N GLY A 131 -35.15 9.02 18.19
CA GLY A 131 -34.06 9.73 18.82
C GLY A 131 -33.85 9.38 20.27
N ILE A 132 -34.32 8.22 20.70
CA ILE A 132 -34.15 7.74 22.07
C ILE A 132 -33.17 6.58 22.03
N ILE A 133 -32.17 6.63 22.91
CA ILE A 133 -31.17 5.58 23.09
C ILE A 133 -31.62 4.68 24.23
N ARG A 134 -31.82 3.38 23.95
CA ARG A 134 -32.19 2.41 24.98
C ARG A 134 -31.04 1.46 25.23
N ILE A 135 -30.75 1.21 26.51
CA ILE A 135 -29.75 0.22 26.90
C ILE A 135 -30.49 -1.04 27.35
N ILE A 136 -30.30 -2.15 26.63
CA ILE A 136 -31.01 -3.39 26.91
C ILE A 136 -30.07 -4.36 27.62
N ASN A 137 -30.61 -5.05 28.64
CA ASN A 137 -29.94 -6.15 29.31
C ASN A 137 -30.22 -7.42 28.53
N PRO A 138 -29.22 -7.93 27.81
CA PRO A 138 -29.47 -9.05 26.88
C PRO A 138 -29.81 -10.36 27.57
N ILE A 139 -29.61 -10.46 28.89
CA ILE A 139 -30.00 -11.67 29.58
C ILE A 139 -31.51 -11.67 29.81
N THR A 140 -32.07 -10.56 30.30
CA THR A 140 -33.51 -10.42 30.46
C THR A 140 -34.19 -9.80 29.25
N MET A 141 -33.42 -9.17 28.35
CA MET A 141 -33.97 -8.41 27.22
C MET A 141 -34.98 -7.38 27.68
N GLN A 142 -34.61 -6.65 28.73
CA GLN A 142 -35.42 -5.53 29.21
C GLN A 142 -34.60 -4.24 29.23
N CYS A 143 -35.30 -3.13 28.98
CA CYS A 143 -34.67 -1.81 28.97
C CYS A 143 -34.25 -1.42 30.37
N ILE A 144 -32.95 -1.18 30.55
CA ILE A 144 -32.42 -0.73 31.83
C ILE A 144 -32.62 0.77 32.01
N LYS A 145 -32.15 1.55 31.04
CA LYS A 145 -32.25 2.99 31.09
C LYS A 145 -32.32 3.50 29.67
N HIS A 146 -32.59 4.79 29.52
CA HIS A 146 -32.71 5.39 28.21
C HIS A 146 -32.35 6.87 28.26
N TYR A 147 -31.83 7.36 27.14
CA TYR A 147 -31.40 8.75 27.02
C TYR A 147 -32.20 9.41 25.91
N VAL A 148 -32.85 10.52 26.25
CA VAL A 148 -33.40 11.40 25.27
C VAL A 148 -32.43 12.56 25.12
N GLY A 149 -32.52 13.28 24.02
CA GLY A 149 -31.71 14.48 23.88
C GLY A 149 -31.56 14.93 22.45
N HIS A 150 -31.13 14.03 21.57
CA HIS A 150 -31.18 14.30 20.14
C HIS A 150 -32.59 14.76 19.76
N GLY A 151 -32.66 15.82 18.97
CA GLY A 151 -33.93 16.30 18.49
C GLY A 151 -34.50 15.53 17.31
N ASN A 152 -33.87 14.44 16.90
CA ASN A 152 -34.35 13.70 15.74
C ASN A 152 -33.75 12.29 15.77
N ALA A 153 -34.01 11.54 14.71
CA ALA A 153 -33.57 10.15 14.60
C ALA A 153 -32.08 10.02 14.83
N ILE A 154 -31.70 8.87 15.35
CA ILE A 154 -30.31 8.47 15.53
C ILE A 154 -30.03 7.38 14.52
N ASN A 155 -29.04 7.61 13.65
CA ASN A 155 -28.69 6.70 12.57
C ASN A 155 -27.54 5.78 12.91
N GLU A 156 -26.73 6.08 13.91
CA GLU A 156 -25.64 5.17 14.24
C GLU A 156 -25.24 5.32 15.70
N LEU A 157 -24.80 4.20 16.27
CA LEU A 157 -24.28 4.08 17.63
C LEU A 157 -22.95 3.37 17.55
N LYS A 158 -21.95 3.89 18.27
CA LYS A 158 -20.64 3.26 18.40
C LYS A 158 -20.13 3.43 19.82
N PHE A 159 -19.52 2.38 20.37
CA PHE A 159 -18.87 2.41 21.67
C PHE A 159 -17.37 2.59 21.51
N HIS A 160 -16.80 3.41 22.38
CA HIS A 160 -15.37 3.64 22.39
C HIS A 160 -14.64 2.30 22.53
N PRO A 161 -13.57 2.08 21.76
CA PRO A 161 -12.90 0.76 21.80
C PRO A 161 -12.08 0.50 23.05
N ARG A 162 -11.74 1.53 23.83
CA ARG A 162 -10.99 1.31 25.06
C ARG A 162 -11.75 1.64 26.35
N ASP A 163 -12.74 2.52 26.28
CA ASP A 163 -13.61 2.82 27.43
C ASP A 163 -15.02 2.36 27.08
N PRO A 164 -15.49 1.23 27.64
CA PRO A 164 -16.80 0.69 27.24
C PRO A 164 -18.00 1.52 27.70
N ASN A 165 -17.80 2.52 28.56
CA ASN A 165 -18.91 3.36 29.02
C ASN A 165 -19.22 4.55 28.11
N LEU A 166 -18.40 4.82 27.09
CA LEU A 166 -18.54 6.00 26.25
C LEU A 166 -19.24 5.63 24.93
N LEU A 167 -20.47 6.09 24.78
CA LEU A 167 -21.29 5.79 23.63
C LEU A 167 -21.40 7.01 22.74
N LEU A 168 -21.17 6.83 21.44
CA LEU A 168 -21.29 7.88 20.44
C LEU A 168 -22.58 7.69 19.64
N SER A 169 -23.35 8.76 19.50
CA SER A 169 -24.58 8.72 18.73
C SER A 169 -24.52 9.77 17.62
N VAL A 170 -25.19 9.46 16.53
CA VAL A 170 -25.10 10.21 15.30
C VAL A 170 -26.52 10.47 14.82
N SER A 171 -26.84 11.73 14.54
CA SER A 171 -28.25 12.11 14.48
C SER A 171 -28.65 12.94 13.27
N LYS A 172 -29.93 12.82 12.93
CA LYS A 172 -30.59 13.64 11.93
C LYS A 172 -30.71 15.10 12.34
N ASP A 173 -30.42 15.45 13.59
CA ASP A 173 -30.38 16.86 13.98
C ASP A 173 -29.05 17.53 13.61
N HIS A 174 -28.17 16.85 12.86
CA HIS A 174 -26.89 17.37 12.33
C HIS A 174 -25.74 17.27 13.33
N ALA A 175 -25.89 16.59 14.46
CA ALA A 175 -24.85 16.55 15.48
C ALA A 175 -24.51 15.12 15.83
N LEU A 176 -23.36 14.98 16.48
CA LEU A 176 -22.94 13.77 17.17
C LEU A 176 -22.89 14.08 18.65
N ARG A 177 -23.14 13.06 19.48
CA ARG A 177 -23.15 13.21 20.92
C ARG A 177 -22.35 12.07 21.52
N LEU A 178 -21.49 12.40 22.47
CA LEU A 178 -20.74 11.43 23.25
C LEU A 178 -21.33 11.39 24.65
N TRP A 179 -21.80 10.22 25.06
CA TRP A 179 -22.43 9.98 26.35
C TRP A 179 -21.54 9.11 27.22
N ASN A 180 -21.60 9.35 28.53
CA ASN A 180 -21.03 8.46 29.53
C ASN A 180 -22.21 7.71 30.14
N ILE A 181 -22.38 6.44 29.78
CA ILE A 181 -23.53 5.70 30.30
C ILE A 181 -23.27 5.09 31.67
N GLN A 182 -22.08 5.29 32.23
CA GLN A 182 -21.90 4.93 33.64
C GLN A 182 -22.54 5.97 34.56
N THR A 183 -22.34 7.25 34.27
CA THR A 183 -22.88 8.33 35.10
C THR A 183 -24.07 9.03 34.45
N ASP A 184 -24.55 8.53 33.31
CA ASP A 184 -25.73 9.08 32.66
C ASP A 184 -25.55 10.57 32.34
N THR A 185 -24.42 10.89 31.74
CA THR A 185 -24.10 12.27 31.42
C THR A 185 -23.78 12.40 29.94
N LEU A 186 -24.12 13.55 29.40
CA LEU A 186 -23.76 13.95 28.05
C LEU A 186 -22.44 14.70 28.10
N VAL A 187 -21.37 14.09 27.60
CA VAL A 187 -20.03 14.65 27.69
C VAL A 187 -19.82 15.79 26.69
N ALA A 188 -20.20 15.57 25.43
CA ALA A 188 -19.89 16.54 24.39
C ALA A 188 -20.90 16.46 23.27
N ILE A 189 -21.12 17.61 22.63
CA ILE A 189 -21.94 17.72 21.43
C ILE A 189 -21.05 18.20 20.29
N PHE A 190 -20.95 17.42 19.23
CA PHE A 190 -20.11 17.74 18.07
C PHE A 190 -21.01 18.31 16.98
N GLY A 191 -21.01 19.62 16.85
CA GLY A 191 -21.89 20.30 15.92
C GLY A 191 -21.80 21.79 16.13
N GLY A 192 -22.41 22.52 15.21
CA GLY A 192 -22.43 23.95 15.35
C GLY A 192 -21.71 24.63 14.20
N VAL A 193 -20.85 25.60 14.53
CA VAL A 193 -20.32 26.54 13.53
C VAL A 193 -19.81 25.82 12.29
N GLU A 194 -18.96 24.79 12.49
CA GLU A 194 -18.44 24.00 11.37
C GLU A 194 -18.75 22.52 11.51
N GLY A 195 -19.79 22.16 12.26
CA GLY A 195 -20.31 20.80 12.25
C GLY A 195 -21.05 20.52 10.95
N HIS A 196 -21.64 19.33 10.87
CA HIS A 196 -22.41 18.96 9.69
C HIS A 196 -23.54 19.95 9.45
N ARG A 197 -23.80 20.22 8.17
CA ARG A 197 -24.88 21.10 7.73
C ARG A 197 -26.16 20.32 7.40
N ASP A 198 -26.19 19.03 7.68
CA ASP A 198 -27.35 18.21 7.37
C ASP A 198 -27.25 16.96 8.21
N GLU A 199 -28.21 16.06 8.01
CA GLU A 199 -28.28 14.83 8.79
C GLU A 199 -26.98 14.05 8.74
N VAL A 200 -26.51 13.60 9.92
CA VAL A 200 -25.32 12.77 10.00
C VAL A 200 -25.75 11.31 9.95
N LEU A 201 -25.04 10.52 9.14
CA LEU A 201 -25.46 9.16 8.86
C LEU A 201 -24.59 8.09 9.52
N SER A 202 -23.33 8.40 9.80
CA SER A 202 -22.37 7.38 10.18
C SER A 202 -21.23 8.05 10.91
N ALA A 203 -20.55 7.28 11.75
CA ALA A 203 -19.28 7.72 12.34
C ALA A 203 -18.54 6.49 12.80
N ASP A 204 -17.24 6.64 13.06
CA ASP A 204 -16.43 5.52 13.49
C ASP A 204 -15.24 6.04 14.31
N TYR A 205 -14.92 5.32 15.39
CA TYR A 205 -13.70 5.56 16.14
C TYR A 205 -12.52 4.88 15.45
N ASP A 206 -11.36 5.50 15.52
CA ASP A 206 -10.13 4.85 15.07
C ASP A 206 -9.78 3.74 16.06
N LEU A 207 -8.60 3.12 15.86
CA LEU A 207 -8.27 1.88 16.56
C LEU A 207 -8.29 2.05 18.08
N LEU A 208 -7.67 3.11 18.59
CA LEU A 208 -7.55 3.30 20.03
C LEU A 208 -8.60 4.25 20.59
N GLY A 209 -9.46 4.80 19.73
CA GLY A 209 -10.44 5.76 20.21
C GLY A 209 -9.88 7.14 20.52
N GLU A 210 -8.84 7.56 19.80
CA GLU A 210 -8.37 8.93 19.92
C GLU A 210 -9.11 9.90 19.02
N LYS A 211 -9.79 9.41 17.98
CA LYS A 211 -10.46 10.33 17.07
C LYS A 211 -11.63 9.64 16.39
N ILE A 212 -12.51 10.47 15.86
CA ILE A 212 -13.77 10.05 15.26
C ILE A 212 -13.86 10.68 13.87
N MET A 213 -14.28 9.89 12.90
CA MET A 213 -14.64 10.38 11.58
C MET A 213 -16.13 10.20 11.43
N SER A 214 -16.82 11.25 11.02
CA SER A 214 -18.25 11.21 10.80
C SER A 214 -18.55 11.59 9.36
N CYS A 215 -19.76 11.29 8.92
CA CYS A 215 -20.12 11.67 7.56
C CYS A 215 -21.63 11.78 7.48
N GLY A 216 -22.11 12.53 6.48
CA GLY A 216 -23.55 12.52 6.24
C GLY A 216 -24.08 13.13 4.96
N MET A 217 -25.33 13.64 5.00
CA MET A 217 -26.04 14.11 3.82
C MET A 217 -25.43 15.37 3.21
N ASP A 218 -24.53 16.04 3.91
CA ASP A 218 -23.96 17.24 3.36
C ASP A 218 -22.70 16.95 2.51
N HIS A 219 -22.48 15.70 2.14
CA HIS A 219 -21.37 15.21 1.34
C HIS A 219 -20.06 15.22 2.11
N SER A 220 -20.05 15.61 3.37
CA SER A 220 -18.78 15.87 4.03
C SER A 220 -18.40 14.74 4.97
N LEU A 221 -17.10 14.64 5.19
CA LEU A 221 -16.47 13.76 6.15
C LEU A 221 -15.71 14.64 7.13
N LYS A 222 -15.91 14.43 8.44
CA LYS A 222 -15.29 15.30 9.42
C LYS A 222 -14.60 14.48 10.50
N LEU A 223 -13.41 14.93 10.87
CA LEU A 223 -12.58 14.30 11.87
C LEU A 223 -12.67 15.11 13.16
N TRP A 224 -12.95 14.43 14.27
CA TRP A 224 -13.04 15.05 15.60
C TRP A 224 -12.07 14.31 16.51
N ARG A 225 -11.04 15.00 17.01
CA ARG A 225 -10.08 14.39 17.91
C ARG A 225 -10.62 14.43 19.33
N ILE A 226 -10.59 13.30 20.02
CA ILE A 226 -11.07 13.26 21.39
C ILE A 226 -9.97 12.97 22.39
N ASN A 227 -8.69 13.03 21.96
CA ASN A 227 -7.57 12.98 22.88
C ASN A 227 -6.98 14.36 23.12
N SER A 228 -7.65 15.40 22.65
CA SER A 228 -7.29 16.75 23.04
C SER A 228 -7.45 16.90 24.55
N LYS A 229 -6.77 17.89 25.11
CA LYS A 229 -6.87 18.07 26.56
C LYS A 229 -8.31 18.42 26.94
N ARG A 230 -8.96 19.26 26.14
CA ARG A 230 -10.35 19.63 26.40
C ARG A 230 -11.26 18.41 26.48
N MET A 231 -11.16 17.48 25.52
CA MET A 231 -12.05 16.32 25.55
C MET A 231 -11.64 15.35 26.66
N MET A 232 -10.32 15.19 26.92
CA MET A 232 -9.85 14.37 28.03
C MET A 232 -10.39 14.86 29.37
N ASN A 233 -10.36 16.18 29.61
CA ASN A 233 -10.90 16.71 30.86
C ASN A 233 -12.42 16.56 30.90
N ALA A 234 -13.09 16.80 29.78
CA ALA A 234 -14.53 16.56 29.74
C ALA A 234 -14.85 15.11 30.11
N ILE A 235 -14.12 14.15 29.54
CA ILE A 235 -14.40 12.75 29.86
C ILE A 235 -14.14 12.49 31.34
N LYS A 236 -13.05 13.04 31.88
CA LYS A 236 -12.73 12.82 33.28
C LYS A 236 -13.78 13.46 34.19
N GLU A 237 -14.18 14.70 33.89
CA GLU A 237 -15.22 15.33 34.68
C GLU A 237 -16.53 14.54 34.63
N SER A 238 -16.84 13.94 33.48
CA SER A 238 -18.08 13.17 33.36
C SER A 238 -18.10 12.00 34.32
N TYR A 239 -16.92 11.44 34.63
CA TYR A 239 -16.85 10.38 35.64
C TYR A 239 -16.95 10.92 37.07
N ASP A 240 -16.44 12.12 37.32
CA ASP A 240 -16.49 12.67 38.68
C ASP A 240 -17.85 13.27 39.04
N TYR A 241 -18.81 13.27 38.13
CA TYR A 241 -20.05 13.99 38.37
C TYR A 241 -20.91 13.25 39.38
N ASN A 242 -21.20 13.91 40.51
CA ASN A 242 -22.11 13.39 41.53
C ASN A 242 -23.33 14.30 41.65
N PRO A 243 -24.54 13.82 41.28
CA PRO A 243 -25.74 14.66 41.43
C PRO A 243 -26.11 14.89 42.89
N ASN A 244 -26.10 13.82 43.67
CA ASN A 244 -26.36 13.90 45.10
C ASN A 244 -25.14 14.47 45.83
N LYS A 245 -24.37 15.32 45.16
CA LYS A 245 -23.30 16.06 45.80
C LYS A 245 -23.15 17.49 45.27
N THR A 246 -24.02 17.94 44.37
CA THR A 246 -24.02 19.31 43.87
C THR A 246 -25.34 19.55 43.17
N ASN A 247 -25.74 20.81 43.11
CA ASN A 247 -26.97 21.17 42.41
C ASN A 247 -26.76 21.66 40.98
N ARG A 248 -25.53 22.01 40.61
CA ARG A 248 -25.28 22.52 39.26
C ARG A 248 -25.33 21.38 38.24
N PRO A 249 -26.16 21.50 37.19
CA PRO A 249 -26.16 20.46 36.16
C PRO A 249 -24.83 20.35 35.44
N PHE A 250 -24.62 19.17 34.87
CA PHE A 250 -23.43 18.86 34.10
C PHE A 250 -23.61 19.40 32.68
N ILE A 251 -22.68 20.26 32.26
CA ILE A 251 -22.79 20.97 30.99
C ILE A 251 -21.91 20.24 29.98
N SER A 252 -22.50 19.88 28.85
CA SER A 252 -21.76 19.20 27.79
C SER A 252 -20.80 20.18 27.11
N GLN A 253 -19.62 19.69 26.71
CA GLN A 253 -18.72 20.51 25.92
C GLN A 253 -19.33 20.69 24.54
N LYS A 254 -19.41 21.94 24.07
CA LYS A 254 -19.91 22.19 22.72
C LYS A 254 -18.69 22.27 21.81
N ILE A 255 -18.50 21.23 20.99
CA ILE A 255 -17.37 21.17 20.06
C ILE A 255 -17.86 21.60 18.68
N HIS A 256 -17.48 22.80 18.23
CA HIS A 256 -17.98 23.41 17.00
C HIS A 256 -17.09 23.25 15.77
N PHE A 257 -15.82 22.88 15.94
CA PHE A 257 -14.84 22.88 14.87
C PHE A 257 -14.18 21.51 14.82
N PRO A 258 -14.38 20.75 13.74
CA PRO A 258 -13.65 19.49 13.60
C PRO A 258 -12.17 19.76 13.35
N ASP A 259 -11.38 18.72 13.52
CA ASP A 259 -9.95 18.85 13.32
C ASP A 259 -9.56 18.64 11.88
N PHE A 260 -10.50 18.30 11.02
CA PHE A 260 -10.30 18.21 9.57
C PHE A 260 -11.67 17.99 8.95
N SER A 261 -11.86 18.57 7.77
CA SER A 261 -13.13 18.41 7.07
C SER A 261 -12.87 18.37 5.57
N THR A 262 -13.59 17.49 4.85
CA THR A 262 -13.51 17.47 3.39
C THR A 262 -14.88 17.16 2.78
N ARG A 263 -15.13 17.80 1.62
CA ARG A 263 -16.22 17.42 0.72
C ARG A 263 -15.70 17.00 -0.65
N ASP A 264 -14.42 16.60 -0.75
CA ASP A 264 -13.81 16.30 -2.03
C ASP A 264 -13.68 14.81 -2.28
N ILE A 265 -14.32 13.97 -1.46
CA ILE A 265 -14.24 12.53 -1.67
C ILE A 265 -15.40 12.02 -2.50
N HIS A 266 -16.63 12.41 -2.17
CA HIS A 266 -17.85 12.04 -2.87
C HIS A 266 -18.58 13.28 -3.33
N ARG A 267 -19.47 13.09 -4.30
CA ARG A 267 -20.25 14.17 -4.88
C ARG A 267 -21.71 14.15 -4.40
N ASN A 268 -22.01 13.35 -3.39
CA ASN A 268 -23.38 13.07 -2.94
C ASN A 268 -23.27 12.68 -1.47
N TYR A 269 -24.39 12.31 -0.85
CA TYR A 269 -24.35 11.97 0.58
C TYR A 269 -23.38 10.81 0.84
N VAL A 270 -22.91 10.74 2.06
CA VAL A 270 -21.99 9.70 2.48
C VAL A 270 -22.66 8.92 3.60
N ASP A 271 -23.01 7.66 3.34
CA ASP A 271 -23.85 6.96 4.29
C ASP A 271 -23.11 5.90 5.09
N CYS A 272 -21.78 5.83 4.96
CA CYS A 272 -21.00 4.89 5.77
C CYS A 272 -19.53 5.26 5.72
N VAL A 273 -18.88 5.29 6.89
CA VAL A 273 -17.44 5.55 7.00
C VAL A 273 -16.86 4.61 8.05
N ARG A 274 -15.69 4.05 7.75
CA ARG A 274 -14.93 3.26 8.73
C ARG A 274 -13.46 3.58 8.56
N TRP A 275 -12.73 3.54 9.66
CA TRP A 275 -11.27 3.61 9.62
C TRP A 275 -10.67 2.29 9.15
N LEU A 276 -9.66 2.38 8.28
CA LEU A 276 -8.85 1.25 7.88
C LEU A 276 -7.44 1.58 8.34
N GLY A 277 -7.09 1.19 9.56
CA GLY A 277 -5.87 1.71 10.12
C GLY A 277 -5.98 3.23 10.23
N ASP A 278 -5.02 3.93 9.63
CA ASP A 278 -5.04 5.38 9.52
C ASP A 278 -5.66 5.86 8.20
N LEU A 279 -6.08 4.94 7.34
CA LEU A 279 -6.83 5.28 6.15
C LEU A 279 -8.31 5.29 6.48
N ILE A 280 -9.11 5.82 5.55
CA ILE A 280 -10.56 5.87 5.68
C ILE A 280 -11.21 5.20 4.47
N LEU A 281 -12.24 4.42 4.73
CA LEU A 281 -13.17 3.89 3.75
C LEU A 281 -14.52 4.59 3.88
N SER A 282 -15.06 5.09 2.77
CA SER A 282 -16.36 5.72 2.85
C SER A 282 -17.10 5.49 1.54
N LYS A 283 -18.44 5.47 1.60
CA LYS A 283 -19.24 5.29 0.40
C LYS A 283 -20.40 6.26 0.35
N SER A 284 -20.76 6.57 -0.90
CA SER A 284 -21.92 7.30 -1.32
C SER A 284 -22.82 6.34 -2.09
N CYS A 285 -23.63 6.85 -3.00
CA CYS A 285 -24.55 6.04 -3.77
C CYS A 285 -24.08 5.88 -5.20
N GLU A 286 -22.77 5.96 -5.43
CA GLU A 286 -22.17 5.84 -6.75
C GLU A 286 -21.49 4.50 -6.97
N ASN A 287 -21.87 3.50 -6.19
CA ASN A 287 -21.45 2.12 -6.41
C ASN A 287 -19.94 1.97 -6.24
N ALA A 288 -19.37 2.66 -5.26
CA ALA A 288 -17.99 2.43 -4.93
C ALA A 288 -17.72 2.83 -3.48
N ILE A 289 -16.89 2.04 -2.81
CA ILE A 289 -16.27 2.43 -1.55
C ILE A 289 -14.92 3.08 -1.87
N VAL A 290 -14.70 4.30 -1.40
CA VAL A 290 -13.47 5.04 -1.67
C VAL A 290 -12.54 4.92 -0.48
N CYS A 291 -11.27 4.59 -0.75
CA CYS A 291 -10.22 4.57 0.25
C CYS A 291 -9.35 5.81 0.10
N TRP A 292 -9.29 6.63 1.15
CA TRP A 292 -8.59 7.91 1.08
C TRP A 292 -7.97 8.23 2.44
N LYS A 293 -7.19 9.30 2.49
CA LYS A 293 -6.64 9.82 3.74
C LYS A 293 -6.55 11.32 3.61
N PRO A 294 -6.62 12.06 4.73
CA PRO A 294 -6.38 13.51 4.68
C PRO A 294 -4.95 13.85 4.30
N GLY A 295 -4.78 15.00 3.67
CA GLY A 295 -3.44 15.46 3.35
C GLY A 295 -2.85 14.77 2.14
N LYS A 296 -1.54 14.94 1.97
CA LYS A 296 -0.78 14.28 0.94
C LYS A 296 -0.46 12.85 1.36
N MET A 297 -0.01 12.05 0.38
CA MET A 297 0.14 10.61 0.61
C MET A 297 1.11 10.32 1.75
N GLU A 298 2.18 11.13 1.87
CA GLU A 298 3.22 10.91 2.87
C GLU A 298 2.83 11.45 4.24
N ASP A 299 1.73 12.20 4.36
CA ASP A 299 1.45 12.97 5.56
C ASP A 299 0.91 12.08 6.70
N ASP A 300 1.46 12.27 7.88
CA ASP A 300 1.05 11.55 9.08
C ASP A 300 -0.30 12.09 9.55
N ILE A 301 -1.19 11.16 9.93
CA ILE A 301 -2.56 11.56 10.28
C ILE A 301 -2.55 12.46 11.50
N ASP A 302 -1.62 12.23 12.42
CA ASP A 302 -1.64 12.99 13.66
C ASP A 302 -0.91 14.33 13.54
N LYS A 303 -0.46 14.71 12.34
CA LYS A 303 0.05 16.05 12.10
C LYS A 303 -0.81 16.85 11.12
N ILE A 304 -1.94 16.29 10.67
CA ILE A 304 -2.90 17.02 9.86
C ILE A 304 -3.50 18.14 10.70
N LYS A 305 -3.36 19.39 10.23
CA LYS A 305 -3.95 20.56 10.87
C LYS A 305 -5.40 20.75 10.43
N PRO A 306 -6.22 21.46 11.22
CA PRO A 306 -7.62 21.66 10.83
C PRO A 306 -7.82 22.39 9.51
N SER A 307 -6.90 23.26 9.11
CA SER A 307 -7.00 23.97 7.84
C SER A 307 -6.50 23.17 6.66
N GLU A 308 -6.08 21.92 6.84
CA GLU A 308 -5.61 21.09 5.72
C GLU A 308 -6.66 20.99 4.63
N SER A 309 -6.25 21.30 3.40
CA SER A 309 -7.15 21.36 2.26
C SER A 309 -7.01 20.16 1.30
N ASN A 310 -5.98 19.33 1.46
CA ASN A 310 -5.77 18.22 0.55
C ASN A 310 -6.27 16.89 1.14
N VAL A 311 -6.66 15.99 0.23
CA VAL A 311 -6.93 14.59 0.51
C VAL A 311 -6.22 13.77 -0.55
N THR A 312 -6.00 12.50 -0.25
CA THR A 312 -5.37 11.61 -1.20
C THR A 312 -6.29 10.41 -1.38
N ILE A 313 -6.72 10.18 -2.61
CA ILE A 313 -7.51 9.00 -2.95
C ILE A 313 -6.54 7.88 -3.35
N LEU A 314 -6.53 6.80 -2.57
CA LEU A 314 -5.68 5.69 -2.93
C LEU A 314 -6.30 4.80 -4.00
N GLY A 315 -7.62 4.67 -3.98
CA GLY A 315 -8.29 3.77 -4.90
C GLY A 315 -9.71 3.54 -4.43
N ARG A 316 -10.41 2.66 -5.16
CA ARG A 316 -11.80 2.36 -4.81
C ARG A 316 -12.15 0.89 -5.10
N PHE A 317 -13.16 0.41 -4.37
CA PHE A 317 -13.79 -0.88 -4.54
C PHE A 317 -15.09 -0.66 -5.31
N ASP A 318 -15.13 -1.12 -6.56
CA ASP A 318 -16.29 -1.00 -7.43
C ASP A 318 -17.24 -2.18 -7.29
N TYR A 319 -18.52 -1.90 -7.47
CA TYR A 319 -19.55 -2.94 -7.44
C TYR A 319 -20.73 -2.38 -8.22
N SER A 320 -21.87 -3.07 -8.16
CA SER A 320 -23.03 -2.57 -8.84
C SER A 320 -24.27 -2.75 -7.98
N GLN A 321 -25.33 -2.06 -8.40
CA GLN A 321 -26.67 -2.17 -7.84
C GLN A 321 -26.71 -2.00 -6.33
N CYS A 322 -26.06 -0.94 -5.86
CA CYS A 322 -26.11 -0.54 -4.46
C CYS A 322 -26.08 0.98 -4.40
N ASP A 323 -27.10 1.59 -4.99
CA ASP A 323 -27.21 3.04 -5.07
C ASP A 323 -28.42 3.58 -4.32
N ILE A 324 -29.00 2.80 -3.41
CA ILE A 324 -30.09 3.26 -2.58
C ILE A 324 -29.51 3.72 -1.25
N TRP A 325 -30.26 4.60 -0.60
CA TRP A 325 -29.81 5.28 0.62
C TRP A 325 -29.76 4.30 1.80
N TYR A 326 -28.70 4.40 2.60
CA TYR A 326 -28.54 3.67 3.87
C TYR A 326 -28.23 2.18 3.67
N MET A 327 -27.11 1.91 3.01
CA MET A 327 -26.54 0.58 2.85
C MET A 327 -25.15 0.63 3.45
N ARG A 328 -24.91 -0.17 4.48
CA ARG A 328 -23.69 -0.07 5.28
C ARG A 328 -22.75 -1.22 4.96
N PHE A 329 -21.44 -0.94 4.96
CA PHE A 329 -20.46 -1.99 4.82
C PHE A 329 -19.83 -2.28 6.17
N SER A 330 -19.23 -3.46 6.29
CA SER A 330 -18.58 -3.87 7.52
CA SER A 330 -18.59 -3.88 7.53
C SER A 330 -17.27 -4.57 7.24
N MET A 331 -16.41 -4.62 8.25
CA MET A 331 -15.15 -5.33 8.20
C MET A 331 -15.09 -6.34 9.33
N ASP A 332 -14.20 -7.33 9.20
CA ASP A 332 -13.95 -8.26 10.30
C ASP A 332 -13.01 -7.62 11.33
N PHE A 333 -12.80 -8.35 12.44
CA PHE A 333 -12.11 -7.77 13.59
C PHE A 333 -10.72 -7.28 13.20
N TRP A 334 -9.94 -8.13 12.52
CA TRP A 334 -8.59 -7.80 12.12
C TRP A 334 -8.53 -7.08 10.79
N GLN A 335 -9.68 -6.69 10.23
CA GLN A 335 -9.77 -5.88 9.02
C GLN A 335 -9.04 -6.53 7.85
N LYS A 336 -9.18 -7.85 7.75
CA LYS A 336 -8.74 -8.63 6.60
C LYS A 336 -9.82 -8.78 5.54
N MET A 337 -11.07 -8.47 5.88
CA MET A 337 -12.18 -8.66 4.95
C MET A 337 -13.11 -7.50 5.06
N LEU A 338 -13.71 -7.16 3.91
CA LEU A 338 -14.65 -6.06 3.76
C LEU A 338 -15.89 -6.64 3.09
N ALA A 339 -17.06 -6.45 3.70
CA ALA A 339 -18.33 -6.96 3.17
C ALA A 339 -19.32 -5.82 2.96
N LEU A 340 -20.04 -5.88 1.84
CA LEU A 340 -21.12 -4.97 1.52
C LEU A 340 -22.23 -5.74 0.82
N GLY A 341 -23.47 -5.58 1.30
CA GLY A 341 -24.61 -6.12 0.58
C GLY A 341 -25.16 -5.13 -0.42
N ASN A 342 -25.75 -5.62 -1.51
CA ASN A 342 -26.33 -4.71 -2.47
C ASN A 342 -27.86 -4.85 -2.46
N GLN A 343 -28.56 -4.04 -3.26
CA GLN A 343 -30.01 -3.91 -3.15
C GLN A 343 -30.79 -5.06 -3.76
N VAL A 344 -30.14 -6.03 -4.41
CA VAL A 344 -30.88 -7.21 -4.87
C VAL A 344 -30.35 -8.50 -4.23
N GLY A 345 -29.75 -8.40 -3.07
CA GLY A 345 -29.40 -9.59 -2.32
C GLY A 345 -28.04 -10.18 -2.59
N LYS A 346 -27.19 -9.52 -3.36
CA LYS A 346 -25.82 -9.97 -3.54
C LYS A 346 -24.95 -9.43 -2.40
N LEU A 347 -24.02 -10.26 -1.96
CA LEU A 347 -23.15 -9.92 -0.84
C LEU A 347 -21.70 -10.01 -1.30
N TYR A 348 -21.03 -8.86 -1.39
CA TYR A 348 -19.66 -8.80 -1.85
C TYR A 348 -18.70 -8.89 -0.66
N VAL A 349 -17.64 -9.68 -0.80
CA VAL A 349 -16.57 -9.78 0.19
C VAL A 349 -15.23 -9.57 -0.52
N TRP A 350 -14.43 -8.63 -0.02
CA TRP A 350 -13.12 -8.32 -0.59
C TRP A 350 -12.03 -8.74 0.39
N ASP A 351 -10.98 -9.36 -0.15
CA ASP A 351 -9.75 -9.58 0.60
C ASP A 351 -8.97 -8.26 0.67
N LEU A 352 -8.79 -7.75 1.89
CA LEU A 352 -8.10 -6.49 2.12
C LEU A 352 -6.58 -6.66 2.29
N GLU A 353 -6.06 -7.87 2.45
N GLU A 353 -6.13 -7.88 2.57
CA GLU A 353 -4.63 -8.04 2.66
CA GLU A 353 -4.72 -8.23 2.70
C GLU A 353 -3.85 -8.25 1.35
C GLU A 353 -4.07 -8.22 1.33
N VAL A 354 -4.50 -8.12 0.20
N VAL A 354 -3.81 -7.04 0.80
CA VAL A 354 -3.88 -8.45 -1.08
CA VAL A 354 -3.14 -6.89 -0.48
C VAL A 354 -3.28 -7.20 -1.72
C VAL A 354 -2.32 -5.62 -0.40
N GLU A 355 -2.21 -7.40 -2.48
N GLU A 355 -1.07 -5.69 -0.87
CA GLU A 355 -1.64 -6.32 -3.28
CA GLU A 355 -0.20 -4.52 -0.86
C GLU A 355 -2.57 -6.00 -4.44
C GLU A 355 -0.81 -3.38 -1.66
N ASP A 356 -2.60 -4.72 -4.83
N ASP A 356 -1.01 -3.61 -2.94
CA ASP A 356 -3.59 -4.20 -5.75
CA ASP A 356 -1.68 -2.61 -3.76
C ASP A 356 -5.00 -4.57 -5.30
C ASP A 356 -3.18 -2.64 -3.50
N PRO A 357 -5.40 -4.18 -4.08
N PRO A 357 -3.82 -1.49 -3.30
CA PRO A 357 -6.69 -4.64 -3.56
CA PRO A 357 -5.27 -1.49 -3.06
C PRO A 357 -7.87 -3.96 -4.23
C PRO A 357 -6.10 -1.84 -4.29
N HIS A 358 -7.72 -2.69 -4.63
N HIS A 358 -5.53 -1.79 -5.49
CA HIS A 358 -8.75 -1.94 -5.32
CA HIS A 358 -6.28 -2.08 -6.70
C HIS A 358 -8.99 -2.43 -6.73
C HIS A 358 -6.39 -3.58 -6.97
N LYS A 359 -8.09 -3.24 -7.27
N LYS A 359 -5.66 -4.42 -6.22
CA LYS A 359 -8.25 -3.82 -8.60
CA LYS A 359 -5.60 -5.85 -6.47
C LYS A 359 -8.54 -5.32 -8.56
C LYS A 359 -6.51 -6.63 -5.53
N ALA A 360 -8.54 -5.93 -7.38
N ALA A 360 -7.44 -5.97 -4.86
CA ALA A 360 -8.82 -7.36 -7.26
CA ALA A 360 -8.35 -6.65 -3.94
C ALA A 360 -10.33 -7.61 -7.27
C ALA A 360 -9.34 -7.49 -4.74
N LYS A 361 -10.70 -8.76 -7.83
N LYS A 361 -9.17 -8.81 -4.68
CA LYS A 361 -12.09 -9.16 -7.85
CA LYS A 361 -10.11 -9.72 -5.30
C LYS A 361 -12.53 -9.62 -6.46
C LYS A 361 -11.41 -9.73 -4.51
N CYS A 362 -13.76 -9.28 -6.10
N CYS A 362 -12.49 -10.12 -5.19
CA CYS A 362 -14.33 -9.71 -4.84
CA CYS A 362 -13.86 -9.93 -4.72
C CYS A 362 -14.92 -11.11 -4.97
C CYS A 362 -14.68 -11.19 -4.92
N THR A 363 -15.24 -11.70 -3.83
CA THR A 363 -16.11 -12.87 -3.83
C THR A 363 -17.56 -12.38 -3.77
N THR A 364 -18.40 -12.87 -4.66
CA THR A 364 -19.82 -12.52 -4.67
C THR A 364 -20.63 -13.73 -4.20
N LEU A 365 -21.40 -13.54 -3.14
CA LEU A 365 -22.22 -14.56 -2.53
C LEU A 365 -23.66 -14.30 -2.91
N THR A 366 -24.29 -15.27 -3.58
CA THR A 366 -25.69 -15.18 -3.98
C THR A 366 -26.40 -16.48 -3.59
N HIS A 367 -27.68 -16.35 -3.28
CA HIS A 367 -28.58 -17.47 -3.10
C HIS A 367 -29.87 -17.13 -3.82
N HIS A 368 -30.43 -18.09 -4.57
CA HIS A 368 -31.55 -17.75 -5.44
C HIS A 368 -32.78 -17.31 -4.68
N LYS A 369 -32.86 -17.62 -3.38
CA LYS A 369 -33.95 -17.17 -2.54
C LYS A 369 -33.68 -15.81 -1.88
N CYS A 370 -32.48 -15.28 -2.01
CA CYS A 370 -32.10 -14.01 -1.38
C CYS A 370 -32.12 -12.93 -2.46
N GLY A 371 -33.25 -12.21 -2.56
CA GLY A 371 -33.37 -11.17 -3.56
C GLY A 371 -33.61 -9.77 -3.03
N ALA A 372 -33.79 -9.64 -1.72
CA ALA A 372 -34.11 -8.35 -1.12
C ALA A 372 -32.83 -7.62 -0.74
N ALA A 373 -32.96 -6.32 -0.50
CA ALA A 373 -31.81 -5.47 -0.22
C ALA A 373 -31.17 -5.83 1.11
N ILE A 374 -29.85 -6.05 1.10
CA ILE A 374 -29.09 -6.37 2.29
C ILE A 374 -28.63 -5.06 2.93
N ARG A 375 -29.13 -4.77 4.14
CA ARG A 375 -28.88 -3.47 4.76
C ARG A 375 -27.56 -3.42 5.50
N GLN A 376 -27.23 -4.47 6.24
CA GLN A 376 -25.96 -4.51 6.98
C GLN A 376 -25.55 -5.95 7.12
N THR A 377 -24.26 -6.17 7.35
CA THR A 377 -23.69 -7.50 7.58
C THR A 377 -22.79 -7.46 8.80
N SER A 378 -22.52 -8.63 9.36
CA SER A 378 -21.68 -8.66 10.55
C SER A 378 -20.90 -9.98 10.57
N PHE A 379 -19.58 -9.86 10.79
CA PHE A 379 -18.70 -11.00 10.97
C PHE A 379 -18.66 -11.35 12.45
N SER A 380 -18.63 -12.65 12.74
CA SER A 380 -18.31 -13.09 14.10
C SER A 380 -16.87 -12.72 14.45
N ARG A 381 -16.58 -12.73 15.76
CA ARG A 381 -15.27 -12.30 16.26
C ARG A 381 -14.11 -13.05 15.58
N ASP A 382 -14.29 -14.33 15.28
CA ASP A 382 -13.23 -15.13 14.68
C ASP A 382 -13.34 -15.23 13.17
N SER A 383 -14.22 -14.44 12.56
CA SER A 383 -14.41 -14.38 11.11
C SER A 383 -14.92 -15.71 10.52
N SER A 384 -15.45 -16.60 11.35
CA SER A 384 -15.94 -17.86 10.80
C SER A 384 -17.35 -17.73 10.23
N ILE A 385 -18.11 -16.73 10.65
CA ILE A 385 -19.49 -16.56 10.22
C ILE A 385 -19.69 -15.13 9.74
N LEU A 386 -20.52 -14.98 8.72
CA LEU A 386 -20.94 -13.68 8.22
C LEU A 386 -22.46 -13.72 8.12
N ILE A 387 -23.13 -12.79 8.79
CA ILE A 387 -24.59 -12.70 8.81
C ILE A 387 -25.00 -11.45 8.04
N ALA A 388 -25.99 -11.60 7.15
CA ALA A 388 -26.61 -10.50 6.43
C ALA A 388 -28.07 -10.36 6.81
N VAL A 389 -28.58 -9.12 6.88
CA VAL A 389 -29.99 -8.90 7.18
C VAL A 389 -30.60 -8.00 6.09
N CYS A 390 -31.91 -8.16 5.85
CA CYS A 390 -32.52 -7.70 4.61
C CYS A 390 -33.79 -6.89 4.83
N ASP A 391 -34.14 -6.11 3.80
CA ASP A 391 -35.35 -5.30 3.79
C ASP A 391 -36.63 -6.12 3.90
N ASP A 392 -36.58 -7.41 3.60
CA ASP A 392 -37.77 -8.25 3.75
C ASP A 392 -37.74 -9.06 5.04
N ALA A 393 -36.93 -8.63 6.01
CA ALA A 393 -36.81 -9.22 7.34
C ALA A 393 -36.12 -10.59 7.34
N SER A 394 -35.44 -10.93 6.26
CA SER A 394 -34.73 -12.20 6.19
C SER A 394 -33.31 -12.04 6.74
N ILE A 395 -32.80 -13.14 7.28
CA ILE A 395 -31.47 -13.23 7.85
C ILE A 395 -30.78 -14.37 7.15
N TRP A 396 -29.53 -14.15 6.73
CA TRP A 396 -28.78 -15.15 5.98
C TRP A 396 -27.46 -15.41 6.70
N ARG A 397 -27.11 -16.69 6.86
CA ARG A 397 -25.89 -17.11 7.55
C ARG A 397 -24.93 -17.74 6.57
N TRP A 398 -23.73 -17.17 6.46
CA TRP A 398 -22.69 -17.63 5.55
C TRP A 398 -21.50 -18.10 6.36
N ASP A 399 -21.04 -19.32 6.08
CA ASP A 399 -19.94 -19.92 6.84
C ASP A 399 -18.72 -20.00 5.97
N ARG A 400 -17.58 -19.57 6.53
CA ARG A 400 -16.32 -19.59 5.78
C ARG A 400 -15.79 -21.01 5.68
N LEU A 401 -15.53 -21.45 4.45
CA LEU A 401 -15.00 -22.79 4.24
C LEU A 401 -13.71 -22.93 5.02
N ARG A 402 -13.63 -23.98 5.84
CA ARG A 402 -12.44 -24.21 6.65
C ARG A 402 -11.95 -25.63 6.39
N TYR B 41 14.69 -10.01 8.02
CA TYR B 41 15.91 -10.27 7.25
C TYR B 41 17.13 -10.36 8.16
N SER B 42 17.68 -11.56 8.31
CA SER B 42 18.91 -11.75 9.06
C SER B 42 20.03 -12.14 8.12
N PHE B 43 21.15 -11.41 8.19
CA PHE B 43 22.34 -11.75 7.43
C PHE B 43 23.53 -11.77 8.36
N LYS B 44 24.50 -12.65 8.05
CA LYS B 44 25.78 -12.71 8.74
C LYS B 44 26.89 -12.65 7.69
N CYS B 45 27.95 -11.93 8.02
CA CYS B 45 29.10 -11.83 7.14
C CYS B 45 29.94 -13.09 7.25
N VAL B 46 30.08 -13.80 6.13
CA VAL B 46 30.76 -15.09 6.13
C VAL B 46 32.15 -15.04 5.50
N ASN B 47 32.47 -14.04 4.68
CA ASN B 47 33.80 -14.00 4.06
C ASN B 47 34.01 -12.63 3.44
N SER B 48 35.28 -12.31 3.16
CA SER B 48 35.63 -11.12 2.41
C SER B 48 36.96 -11.33 1.71
N LEU B 49 37.25 -10.48 0.72
CA LEU B 49 38.56 -10.49 0.11
C LEU B 49 38.80 -9.14 -0.55
N LYS B 50 40.07 -8.86 -0.85
CA LYS B 50 40.50 -7.63 -1.49
C LYS B 50 41.17 -7.98 -2.80
N GLU B 51 40.80 -7.29 -3.87
CA GLU B 51 41.43 -7.53 -5.16
C GLU B 51 42.80 -6.86 -5.18
N ASP B 52 43.74 -7.52 -5.90
CA ASP B 52 45.15 -7.13 -5.84
C ASP B 52 45.41 -5.74 -6.40
N HIS B 53 44.55 -5.26 -7.31
CA HIS B 53 44.80 -3.97 -7.94
C HIS B 53 44.54 -2.77 -7.03
N ASN B 54 43.80 -2.95 -5.93
CA ASN B 54 43.54 -1.90 -4.94
C ASN B 54 42.82 -0.67 -5.53
N GLN B 55 42.19 -0.78 -6.71
CA GLN B 55 41.38 0.31 -7.23
C GLN B 55 39.93 0.11 -6.81
N PRO B 56 39.14 1.19 -6.75
CA PRO B 56 37.73 1.06 -6.40
C PRO B 56 37.02 0.06 -7.30
N LEU B 57 36.21 -0.80 -6.69
CA LEU B 57 35.26 -1.62 -7.43
C LEU B 57 33.94 -0.88 -7.51
N PHE B 58 33.46 -0.63 -8.73
CA PHE B 58 32.25 0.15 -8.90
C PHE B 58 31.00 -0.70 -9.08
N GLY B 59 31.11 -1.89 -9.67
CA GLY B 59 29.95 -2.69 -9.97
C GLY B 59 30.09 -4.14 -9.56
N VAL B 60 28.97 -4.74 -9.28
CA VAL B 60 28.90 -6.16 -8.94
C VAL B 60 27.53 -6.67 -9.36
N GLN B 61 27.49 -7.82 -10.03
CA GLN B 61 26.25 -8.40 -10.54
C GLN B 61 26.31 -9.92 -10.47
N PHE B 62 25.43 -10.53 -9.69
CA PHE B 62 25.18 -11.96 -9.82
C PHE B 62 24.58 -12.23 -11.19
N ASN B 63 24.85 -13.42 -11.72
CA ASN B 63 24.22 -13.86 -12.96
C ASN B 63 22.92 -14.57 -12.60
N TRP B 64 21.80 -13.90 -12.86
CA TRP B 64 20.47 -14.45 -12.63
C TRP B 64 19.97 -15.34 -13.79
N HIS B 65 20.83 -15.68 -14.76
CA HIS B 65 20.47 -16.55 -15.88
C HIS B 65 21.15 -17.92 -15.83
N SER B 66 21.59 -18.37 -14.65
CA SER B 66 22.33 -19.62 -14.57
C SER B 66 21.49 -20.79 -14.09
N GLY B 69 21.04 -25.56 -11.16
CA GLY B 69 22.02 -26.64 -11.06
C GLY B 69 23.47 -26.19 -11.05
N ASP B 70 23.76 -25.10 -11.76
CA ASP B 70 25.10 -24.54 -11.84
C ASP B 70 25.43 -23.71 -10.59
N PRO B 71 26.72 -23.50 -10.31
CA PRO B 71 27.10 -22.74 -9.11
C PRO B 71 26.90 -21.24 -9.28
N LEU B 72 26.64 -20.58 -8.15
CA LEU B 72 26.30 -19.15 -8.17
C LEU B 72 27.51 -18.30 -8.50
N VAL B 73 27.39 -17.48 -9.54
CA VAL B 73 28.50 -16.69 -10.09
C VAL B 73 28.11 -15.22 -10.11
N PHE B 74 29.05 -14.37 -9.71
CA PHE B 74 28.90 -12.93 -9.84
C PHE B 74 30.17 -12.31 -10.44
N ALA B 75 29.99 -11.15 -11.06
CA ALA B 75 31.07 -10.38 -11.66
C ALA B 75 31.32 -9.09 -10.89
N THR B 76 32.58 -8.68 -10.79
CA THR B 76 32.95 -7.37 -10.26
C THR B 76 33.68 -6.59 -11.36
N VAL B 77 33.53 -5.28 -11.34
CA VAL B 77 34.21 -4.41 -12.29
C VAL B 77 34.82 -3.24 -11.54
N GLY B 78 36.01 -2.87 -11.96
CA GLY B 78 36.69 -1.70 -11.45
C GLY B 78 38.05 -1.66 -12.13
N SER B 79 38.62 -0.46 -12.16
CA SER B 79 39.84 -0.26 -12.94
C SER B 79 39.59 -0.78 -14.36
N ASN B 80 40.58 -1.44 -14.96
CA ASN B 80 40.41 -2.11 -16.24
C ASN B 80 40.14 -3.60 -16.09
N ARG B 81 39.45 -4.00 -15.01
CA ARG B 81 39.34 -5.40 -14.61
C ARG B 81 37.89 -5.87 -14.54
N VAL B 82 37.68 -7.10 -14.99
CA VAL B 82 36.42 -7.80 -14.81
C VAL B 82 36.74 -9.15 -14.20
N THR B 83 36.13 -9.45 -13.07
CA THR B 83 36.46 -10.70 -12.38
C THR B 83 35.20 -11.47 -12.05
N LEU B 84 35.22 -12.77 -12.33
CA LEU B 84 34.14 -13.66 -11.95
C LEU B 84 34.51 -14.40 -10.68
N TYR B 85 33.53 -14.54 -9.78
CA TYR B 85 33.70 -15.36 -8.61
C TYR B 85 32.53 -16.33 -8.52
N GLU B 86 32.79 -17.49 -7.91
CA GLU B 86 31.78 -18.47 -7.53
C GLU B 86 31.58 -18.45 -6.03
N CYS B 87 30.36 -18.69 -5.60
CA CYS B 87 30.03 -18.85 -4.19
C CYS B 87 29.93 -20.32 -3.83
N HIS B 88 30.55 -20.72 -2.73
CA HIS B 88 30.55 -22.12 -2.34
C HIS B 88 30.28 -22.27 -0.85
N SER B 89 30.17 -23.53 -0.42
CA SER B 89 29.97 -23.91 0.98
C SER B 89 31.02 -23.29 1.89
N GLN B 90 30.71 -23.20 3.18
CA GLN B 90 31.60 -22.64 4.20
C GLN B 90 32.00 -21.20 3.89
N GLY B 91 31.17 -20.50 3.10
CA GLY B 91 31.39 -19.11 2.80
C GLY B 91 32.50 -18.80 1.82
N GLU B 92 32.95 -19.77 1.04
CA GLU B 92 34.08 -19.54 0.15
C GLU B 92 33.69 -18.58 -0.99
N ILE B 93 34.60 -17.67 -1.30
CA ILE B 93 34.53 -16.85 -2.52
C ILE B 93 35.66 -17.31 -3.42
N ARG B 94 35.33 -18.12 -4.41
CA ARG B 94 36.32 -18.75 -5.26
C ARG B 94 36.53 -17.90 -6.51
N LEU B 95 37.73 -17.38 -6.68
CA LEU B 95 38.08 -16.71 -7.91
C LEU B 95 37.98 -17.70 -9.06
N LEU B 96 37.21 -17.34 -10.08
CA LEU B 96 37.03 -18.18 -11.25
C LEU B 96 37.98 -17.78 -12.38
N GLN B 97 37.88 -16.55 -12.86
CA GLN B 97 38.68 -16.12 -14.01
C GLN B 97 38.63 -14.61 -14.10
N SER B 98 39.68 -14.02 -14.68
CA SER B 98 39.83 -12.58 -14.77
C SER B 98 39.85 -12.15 -16.23
N TYR B 99 39.45 -10.90 -16.47
CA TYR B 99 39.71 -10.19 -17.72
C TYR B 99 40.41 -8.87 -17.42
N VAL B 100 41.55 -8.66 -18.04
CA VAL B 100 42.26 -7.38 -17.98
C VAL B 100 42.15 -6.75 -19.36
N ASP B 101 41.63 -5.53 -19.41
CA ASP B 101 41.52 -4.84 -20.67
C ASP B 101 42.90 -4.43 -21.16
N ALA B 102 43.07 -4.41 -22.48
CA ALA B 102 44.36 -3.98 -23.05
C ALA B 102 44.62 -2.51 -22.79
N ASP B 103 43.58 -1.69 -22.74
CA ASP B 103 43.71 -0.27 -22.42
C ASP B 103 43.89 -0.14 -20.91
N ALA B 104 45.11 0.22 -20.49
CA ALA B 104 45.41 0.30 -19.06
C ALA B 104 44.60 1.37 -18.37
N ASP B 105 44.14 2.39 -19.10
CA ASP B 105 43.43 3.52 -18.54
C ASP B 105 41.92 3.46 -18.73
N GLU B 106 41.38 2.33 -19.19
CA GLU B 106 39.95 2.13 -19.09
C GLU B 106 39.56 2.00 -17.61
N ASN B 107 38.38 2.52 -17.27
CA ASN B 107 37.85 2.38 -15.91
C ASN B 107 36.40 1.92 -16.02
N PHE B 108 36.17 0.65 -15.72
CA PHE B 108 34.84 0.08 -15.86
C PHE B 108 33.97 0.52 -14.70
N TYR B 109 32.74 0.95 -15.00
CA TYR B 109 31.81 1.38 -13.97
C TYR B 109 30.67 0.40 -13.73
N THR B 110 30.37 -0.47 -14.69
CA THR B 110 29.14 -1.25 -14.60
C THR B 110 29.25 -2.46 -15.51
N CYS B 111 28.41 -3.46 -15.23
CA CYS B 111 28.35 -4.64 -16.06
C CYS B 111 26.92 -5.15 -16.03
N ALA B 112 26.57 -5.99 -17.02
CA ALA B 112 25.23 -6.57 -17.09
C ALA B 112 25.30 -7.92 -17.79
N TRP B 113 24.57 -8.89 -17.26
CA TRP B 113 24.56 -10.25 -17.81
C TRP B 113 23.44 -10.42 -18.85
N THR B 114 23.73 -11.22 -19.87
CA THR B 114 22.67 -11.69 -20.74
C THR B 114 23.05 -13.07 -21.27
N TYR B 115 22.36 -13.51 -22.32
CA TYR B 115 22.70 -14.75 -22.99
C TYR B 115 22.40 -14.62 -24.48
N ASP B 116 23.08 -15.45 -25.26
CA ASP B 116 22.86 -15.54 -26.70
C ASP B 116 21.52 -16.21 -26.97
N SER B 117 20.64 -15.50 -27.69
CA SER B 117 19.34 -16.01 -28.11
C SER B 117 19.37 -17.48 -28.54
N ASN B 118 20.34 -17.84 -29.39
CA ASN B 118 20.34 -19.17 -30.00
C ASN B 118 21.01 -20.23 -29.12
N THR B 119 22.21 -19.95 -28.61
CA THR B 119 22.92 -20.96 -27.82
C THR B 119 22.49 -20.98 -26.35
N SER B 120 21.78 -19.94 -25.87
CA SER B 120 21.42 -19.78 -24.47
C SER B 120 22.65 -19.69 -23.56
N HIS B 121 23.85 -19.40 -24.15
CA HIS B 121 25.10 -19.34 -23.42
C HIS B 121 25.34 -17.94 -22.87
N PRO B 122 25.98 -17.84 -21.70
CA PRO B 122 26.00 -16.55 -21.00
C PRO B 122 26.94 -15.56 -21.67
N LEU B 123 26.56 -14.28 -21.56
CA LEU B 123 27.36 -13.17 -22.08
C LEU B 123 27.36 -12.06 -21.04
N LEU B 124 28.45 -11.30 -21.02
CA LEU B 124 28.61 -10.21 -20.06
C LEU B 124 29.01 -8.91 -20.76
N ALA B 125 28.24 -7.84 -20.54
CA ALA B 125 28.56 -6.54 -21.10
C ALA B 125 29.17 -5.64 -20.03
N VAL B 126 30.22 -4.91 -20.40
CA VAL B 126 30.88 -4.00 -19.47
C VAL B 126 31.17 -2.68 -20.16
N ALA B 127 31.20 -1.61 -19.38
CA ALA B 127 31.49 -0.29 -19.92
C ALA B 127 31.95 0.62 -18.80
N GLY B 128 32.56 1.74 -19.19
CA GLY B 128 32.92 2.78 -18.25
C GLY B 128 33.47 4.04 -18.87
N SER B 129 34.61 4.53 -18.36
CA SER B 129 35.05 5.89 -18.67
C SER B 129 35.37 6.11 -20.14
N ARG B 130 35.72 5.06 -20.88
CA ARG B 130 36.02 5.27 -22.29
C ARG B 130 34.77 5.33 -23.15
N GLY B 131 33.59 5.04 -22.59
CA GLY B 131 32.41 5.05 -23.42
C GLY B 131 32.39 3.94 -24.44
N ILE B 132 33.09 2.84 -24.17
CA ILE B 132 33.12 1.67 -25.04
C ILE B 132 32.41 0.54 -24.33
N ILE B 133 31.49 -0.10 -25.03
CA ILE B 133 30.78 -1.26 -24.53
C ILE B 133 31.51 -2.50 -25.01
N ARG B 134 31.97 -3.32 -24.08
CA ARG B 134 32.61 -4.58 -24.44
C ARG B 134 31.72 -5.75 -24.05
N ILE B 135 31.55 -6.68 -24.97
CA ILE B 135 30.84 -7.92 -24.72
C ILE B 135 31.88 -9.01 -24.48
N ILE B 136 31.88 -9.57 -23.27
CA ILE B 136 32.86 -10.55 -22.84
C ILE B 136 32.20 -11.92 -22.81
N ASN B 137 32.95 -12.93 -23.27
CA ASN B 137 32.55 -14.33 -23.15
C ASN B 137 33.00 -14.85 -21.78
N PRO B 138 32.09 -15.08 -20.85
CA PRO B 138 32.50 -15.43 -19.48
C PRO B 138 33.14 -16.79 -19.32
N ILE B 139 33.11 -17.66 -20.34
CA ILE B 139 33.78 -18.93 -20.21
C ILE B 139 35.28 -18.79 -20.45
N THR B 140 35.64 -18.09 -21.52
CA THR B 140 37.04 -17.80 -21.79
C THR B 140 37.50 -16.49 -21.17
N MET B 141 36.56 -15.62 -20.78
CA MET B 141 36.84 -14.26 -20.31
C MET B 141 37.63 -13.48 -21.35
N GLN B 142 37.16 -13.52 -22.60
CA GLN B 142 37.73 -12.69 -23.65
C GLN B 142 36.65 -11.84 -24.33
N CYS B 143 37.05 -10.65 -24.78
CA CYS B 143 36.15 -9.74 -25.46
C CYS B 143 35.77 -10.31 -26.82
N ILE B 144 34.46 -10.49 -27.03
CA ILE B 144 33.96 -10.94 -28.33
C ILE B 144 33.86 -9.78 -29.29
N LYS B 145 33.15 -8.73 -28.88
CA LYS B 145 32.96 -7.57 -29.72
C LYS B 145 32.82 -6.35 -28.84
N HIS B 146 32.80 -5.18 -29.47
CA HIS B 146 32.70 -3.95 -28.72
C HIS B 146 32.02 -2.88 -29.57
N TYR B 147 31.34 -1.95 -28.90
CA TYR B 147 30.61 -0.87 -29.53
C TYR B 147 31.18 0.45 -29.08
N VAL B 148 31.51 1.30 -30.04
CA VAL B 148 31.83 2.69 -29.81
C VAL B 148 30.60 3.51 -30.20
N GLY B 149 30.51 4.73 -29.69
CA GLY B 149 29.45 5.59 -30.16
C GLY B 149 29.07 6.72 -29.23
N HIS B 150 28.79 6.39 -27.97
CA HIS B 150 28.65 7.43 -26.95
C HIS B 150 29.86 8.34 -26.98
N GLY B 151 29.60 9.64 -26.90
CA GLY B 151 30.71 10.58 -26.88
C GLY B 151 31.43 10.71 -25.56
N ASN B 152 31.08 9.92 -24.54
CA ASN B 152 31.69 10.07 -23.24
C ASN B 152 31.43 8.80 -22.42
N ALA B 153 31.85 8.82 -21.16
CA ALA B 153 31.74 7.67 -20.28
C ALA B 153 30.31 7.13 -20.24
N ILE B 154 30.20 5.82 -19.99
CA ILE B 154 28.93 5.12 -19.83
C ILE B 154 28.76 4.78 -18.36
N ASN B 155 27.64 5.21 -17.78
CA ASN B 155 27.40 5.05 -16.35
C ASN B 155 26.55 3.85 -15.99
N GLU B 156 25.74 3.34 -16.91
CA GLU B 156 24.94 2.16 -16.62
C GLU B 156 24.62 1.38 -17.89
N LEU B 157 24.48 0.06 -17.73
CA LEU B 157 24.08 -0.90 -18.74
C LEU B 157 22.96 -1.76 -18.19
N LYS B 158 21.91 -1.97 -18.98
CA LYS B 158 20.82 -2.85 -18.59
C LYS B 158 20.36 -3.64 -19.80
N PHE B 159 20.04 -4.92 -19.60
CA PHE B 159 19.45 -5.72 -20.66
C PHE B 159 17.93 -5.76 -20.53
N HIS B 160 17.26 -5.67 -21.66
CA HIS B 160 15.81 -5.78 -21.70
C HIS B 160 15.38 -7.08 -21.03
N PRO B 161 14.37 -7.05 -20.15
CA PRO B 161 14.02 -8.28 -19.40
C PRO B 161 13.34 -9.36 -20.22
N ARG B 162 12.83 -9.04 -21.42
CA ARG B 162 12.21 -10.02 -22.32
C ARG B 162 12.96 -10.26 -23.63
N ASP B 163 13.78 -9.31 -24.10
CA ASP B 163 14.61 -9.53 -25.30
C ASP B 163 16.09 -9.45 -24.94
N PRO B 164 16.78 -10.59 -24.80
CA PRO B 164 18.17 -10.57 -24.30
C PRO B 164 19.16 -9.90 -25.23
N ASN B 165 18.79 -9.58 -26.47
CA ASN B 165 19.72 -8.91 -27.38
C ASN B 165 19.67 -7.39 -27.28
N LEU B 166 18.73 -6.83 -26.52
CA LEU B 166 18.51 -5.39 -26.44
C LEU B 166 19.21 -4.80 -25.22
N LEU B 167 20.27 -4.05 -25.47
CA LEU B 167 21.11 -3.49 -24.42
C LEU B 167 20.88 -1.98 -24.36
N LEU B 168 20.68 -1.48 -23.16
CA LEU B 168 20.51 -0.06 -22.89
C LEU B 168 21.77 0.50 -22.23
N SER B 169 22.26 1.61 -22.76
CA SER B 169 23.41 2.30 -22.17
C SER B 169 23.02 3.73 -21.87
N VAL B 170 23.67 4.25 -20.84
CA VAL B 170 23.35 5.53 -20.24
C VAL B 170 24.67 6.28 -20.12
N SER B 171 24.71 7.53 -20.59
CA SER B 171 26.00 8.17 -20.82
C SER B 171 26.11 9.59 -20.30
N LYS B 172 27.36 9.97 -20.03
CA LYS B 172 27.77 11.34 -19.73
C LYS B 172 27.58 12.28 -20.91
N ASP B 173 27.25 11.77 -22.11
CA ASP B 173 26.94 12.67 -23.21
C ASP B 173 25.50 13.18 -23.17
N HIS B 174 24.74 12.90 -22.11
CA HIS B 174 23.34 13.36 -21.89
C HIS B 174 22.32 12.46 -22.58
N ALA B 175 22.72 11.31 -23.14
CA ALA B 175 21.77 10.49 -23.88
C ALA B 175 21.76 9.06 -23.34
N LEU B 176 20.71 8.34 -23.74
CA LEU B 176 20.62 6.89 -23.62
C LEU B 176 20.57 6.30 -25.02
N ARG B 177 21.11 5.10 -25.16
CA ARG B 177 21.19 4.41 -26.44
C ARG B 177 20.69 2.99 -26.26
N LEU B 178 19.85 2.55 -27.20
CA LEU B 178 19.38 1.17 -27.25
C LEU B 178 20.08 0.46 -28.40
N TRP B 179 20.76 -0.63 -28.10
CA TRP B 179 21.51 -1.43 -29.06
C TRP B 179 20.88 -2.80 -29.25
N ASN B 180 21.02 -3.33 -30.44
CA ASN B 180 20.72 -4.72 -30.73
C ASN B 180 22.06 -5.41 -30.91
N ILE B 181 22.48 -6.20 -29.91
CA ILE B 181 23.79 -6.83 -30.02
C ILE B 181 23.75 -8.12 -30.82
N GLN B 182 22.57 -8.53 -31.30
CA GLN B 182 22.57 -9.62 -32.26
C GLN B 182 23.00 -9.16 -33.65
N THR B 183 22.50 -8.00 -34.10
CA THR B 183 22.83 -7.49 -35.42
C THR B 183 23.80 -6.33 -35.37
N ASP B 184 24.32 -6.00 -34.18
CA ASP B 184 25.32 -4.94 -34.01
C ASP B 184 24.81 -3.61 -34.55
N THR B 185 23.59 -3.24 -34.16
CA THR B 185 22.97 -2.01 -34.64
C THR B 185 22.53 -1.14 -33.47
N LEU B 186 22.56 0.17 -33.71
CA LEU B 186 22.03 1.17 -32.81
C LEU B 186 20.57 1.42 -33.16
N VAL B 187 19.66 1.00 -32.29
CA VAL B 187 18.24 1.12 -32.56
C VAL B 187 17.73 2.54 -32.36
N ALA B 188 18.05 3.15 -31.22
CA ALA B 188 17.48 4.45 -30.89
C ALA B 188 18.40 5.24 -29.98
N ILE B 189 18.34 6.57 -30.10
CA ILE B 189 19.04 7.48 -29.18
C ILE B 189 17.98 8.28 -28.44
N PHE B 190 17.97 8.18 -27.12
CA PHE B 190 16.98 8.88 -26.29
C PHE B 190 17.65 10.14 -25.73
N GLY B 191 17.37 11.27 -26.36
CA GLY B 191 18.02 12.52 -26.01
C GLY B 191 17.63 13.57 -27.03
N GLY B 192 17.98 14.81 -26.73
CA GLY B 192 17.72 15.90 -27.64
C GLY B 192 16.78 16.92 -27.04
N VAL B 193 15.73 17.33 -27.78
CA VAL B 193 14.96 18.53 -27.45
C VAL B 193 14.53 18.51 -25.99
N GLU B 194 13.94 17.42 -25.54
CA GLU B 194 13.50 17.31 -24.17
C GLU B 194 14.17 16.12 -23.50
N GLY B 195 15.36 15.74 -23.98
CA GLY B 195 16.19 14.81 -23.25
C GLY B 195 16.86 15.46 -22.03
N HIS B 196 17.69 14.68 -21.37
CA HIS B 196 18.44 15.20 -20.23
C HIS B 196 19.32 16.35 -20.67
N ARG B 197 19.46 17.34 -19.80
CA ARG B 197 20.28 18.51 -20.02
C ARG B 197 21.69 18.35 -19.42
N ASP B 198 22.02 17.16 -18.95
CA ASP B 198 23.31 16.90 -18.33
C ASP B 198 23.55 15.40 -18.32
N GLU B 199 24.65 15.00 -17.73
CA GLU B 199 25.06 13.60 -17.69
C GLU B 199 23.94 12.71 -17.14
N VAL B 200 23.68 11.59 -17.82
CA VAL B 200 22.71 10.61 -17.35
C VAL B 200 23.45 9.56 -16.55
N LEU B 201 22.90 9.21 -15.39
CA LEU B 201 23.57 8.37 -14.42
C LEU B 201 22.98 6.99 -14.29
N SER B 202 21.67 6.82 -14.55
CA SER B 202 21.02 5.55 -14.26
C SER B 202 19.77 5.43 -15.11
N ALA B 203 19.33 4.18 -15.32
CA ALA B 203 18.04 3.95 -15.95
C ALA B 203 17.64 2.53 -15.63
N ASP B 204 16.36 2.22 -15.84
CA ASP B 204 15.87 0.87 -15.53
C ASP B 204 14.64 0.54 -16.37
N TYR B 205 14.53 -0.71 -16.83
CA TYR B 205 13.33 -1.19 -17.50
C TYR B 205 12.28 -1.62 -16.48
N ASP B 206 11.00 -1.40 -16.82
CA ASP B 206 9.92 -1.94 -16.00
C ASP B 206 9.89 -3.46 -16.16
N LEU B 207 8.89 -4.09 -15.54
CA LEU B 207 8.90 -5.54 -15.39
C LEU B 207 8.95 -6.24 -16.74
N LEU B 208 8.14 -5.80 -17.70
CA LEU B 208 8.04 -6.43 -19.00
C LEU B 208 8.87 -5.71 -20.05
N GLY B 209 9.54 -4.64 -19.68
CA GLY B 209 10.36 -3.93 -20.64
C GLY B 209 9.59 -3.14 -21.67
N GLU B 210 8.41 -2.61 -21.30
CA GLU B 210 7.62 -1.72 -22.14
C GLU B 210 8.04 -0.26 -22.01
N LYS B 211 8.74 0.12 -20.95
CA LYS B 211 9.16 1.50 -20.76
C LYS B 211 10.41 1.55 -19.91
N ILE B 212 11.04 2.72 -19.94
CA ILE B 212 12.32 2.98 -19.30
C ILE B 212 12.20 4.25 -18.49
N MET B 213 12.72 4.25 -17.26
CA MET B 213 12.87 5.46 -16.46
C MET B 213 14.35 5.78 -16.37
N SER B 214 14.72 7.02 -16.69
CA SER B 214 16.11 7.42 -16.62
C SER B 214 16.29 8.60 -15.65
N CYS B 215 17.54 8.82 -15.24
CA CYS B 215 17.76 9.95 -14.36
C CYS B 215 19.21 10.38 -14.45
N GLY B 216 19.46 11.64 -14.10
CA GLY B 216 20.85 12.07 -13.98
C GLY B 216 21.13 13.41 -13.30
N MET B 217 22.21 14.06 -13.74
CA MET B 217 22.72 15.24 -13.06
C MET B 217 21.79 16.45 -13.17
N ASP B 218 20.77 16.42 -14.04
CA ASP B 218 19.88 17.56 -14.20
C ASP B 218 18.68 17.56 -13.25
N HIS B 219 18.69 16.74 -12.21
CA HIS B 219 17.66 16.57 -11.18
C HIS B 219 16.44 15.82 -11.70
N SER B 220 16.40 15.42 -12.96
CA SER B 220 15.15 14.98 -13.53
C SER B 220 15.08 13.47 -13.66
N LEU B 221 13.85 12.98 -13.70
CA LEU B 221 13.53 11.60 -13.99
C LEU B 221 12.67 11.59 -15.25
N LYS B 222 13.01 10.78 -16.24
CA LYS B 222 12.29 10.82 -17.50
C LYS B 222 11.87 9.42 -17.85
N LEU B 223 10.63 9.31 -18.33
CA LEU B 223 10.03 8.06 -18.73
C LEU B 223 10.03 7.97 -20.25
N TRP B 224 10.51 6.85 -20.76
CA TRP B 224 10.54 6.58 -22.21
C TRP B 224 9.80 5.29 -22.45
N ARG B 225 8.67 5.36 -23.15
CA ARG B 225 7.93 4.16 -23.51
C ARG B 225 8.56 3.54 -24.76
N ILE B 226 8.85 2.25 -24.72
CA ILE B 226 9.44 1.61 -25.90
C ILE B 226 8.50 0.59 -26.53
N ASN B 227 7.23 0.57 -26.13
CA ASN B 227 6.20 -0.20 -26.83
C ASN B 227 5.33 0.67 -27.73
N SER B 228 5.70 1.93 -27.96
CA SER B 228 5.02 2.72 -28.98
C SER B 228 5.21 2.06 -30.36
N LYS B 229 4.35 2.40 -31.32
CA LYS B 229 4.52 1.81 -32.64
C LYS B 229 5.89 2.18 -33.21
N ARG B 230 6.31 3.42 -33.02
CA ARG B 230 7.60 3.85 -33.55
C ARG B 230 8.76 2.98 -33.03
N MET B 231 8.81 2.74 -31.71
CA MET B 231 9.92 1.95 -31.17
C MET B 231 9.77 0.46 -31.51
N MET B 232 8.54 -0.07 -31.54
CA MET B 232 8.38 -1.45 -32.00
C MET B 232 8.94 -1.61 -33.41
N ASN B 233 8.63 -0.66 -34.30
CA ASN B 233 9.09 -0.81 -35.67
C ASN B 233 10.61 -0.68 -35.78
N ALA B 234 11.20 0.25 -35.02
CA ALA B 234 12.65 0.37 -34.98
C ALA B 234 13.29 -0.93 -34.52
N ILE B 235 12.77 -1.53 -33.45
CA ILE B 235 13.34 -2.78 -32.97
C ILE B 235 13.18 -3.87 -34.02
N LYS B 236 12.02 -3.91 -34.70
CA LYS B 236 11.81 -4.93 -35.72
C LYS B 236 12.78 -4.75 -36.88
N GLU B 237 12.94 -3.53 -37.38
CA GLU B 237 13.89 -3.28 -38.45
C GLU B 237 15.32 -3.62 -38.03
N SER B 238 15.68 -3.36 -36.77
CA SER B 238 17.04 -3.66 -36.33
C SER B 238 17.34 -5.14 -36.47
N TYR B 239 16.33 -5.99 -36.33
CA TYR B 239 16.52 -7.42 -36.55
C TYR B 239 16.57 -7.75 -38.04
N ASP B 240 15.86 -7.02 -38.88
CA ASP B 240 15.85 -7.28 -40.31
C ASP B 240 17.05 -6.71 -41.05
N TYR B 241 17.94 -6.02 -40.37
CA TYR B 241 18.99 -5.30 -41.08
C TYR B 241 20.03 -6.28 -41.62
N ASN B 242 20.20 -6.30 -42.94
CA ASN B 242 21.24 -7.08 -43.60
C ASN B 242 22.24 -6.15 -44.29
N PRO B 243 23.48 -6.06 -43.82
CA PRO B 243 24.48 -5.22 -44.51
C PRO B 243 24.84 -5.78 -45.88
N ASN B 244 25.10 -7.08 -45.96
CA ASN B 244 25.40 -7.75 -47.21
C ASN B 244 24.13 -7.94 -48.05
N LYS B 245 23.17 -7.02 -47.91
CA LYS B 245 22.01 -6.98 -48.78
C LYS B 245 21.56 -5.55 -49.08
N THR B 246 22.29 -4.55 -48.62
CA THR B 246 22.01 -3.15 -48.92
C THR B 246 23.23 -2.32 -48.61
N ASN B 247 23.36 -1.19 -49.29
CA ASN B 247 24.47 -0.28 -49.05
C ASN B 247 24.09 0.84 -48.08
N ARG B 248 22.79 1.03 -47.80
CA ARG B 248 22.36 2.11 -46.92
C ARG B 248 22.65 1.77 -45.45
N PRO B 249 23.34 2.64 -44.72
CA PRO B 249 23.54 2.39 -43.29
C PRO B 249 22.23 2.41 -42.51
N PHE B 250 22.25 1.73 -41.38
CA PHE B 250 21.10 1.67 -40.49
C PHE B 250 21.01 2.92 -39.61
N ILE B 251 19.92 3.66 -39.72
CA ILE B 251 19.79 4.95 -39.07
C ILE B 251 19.02 4.77 -37.77
N SER B 252 19.63 5.20 -36.66
CA SER B 252 18.99 5.08 -35.35
C SER B 252 17.82 6.05 -35.23
N GLN B 253 16.76 5.62 -34.55
CA GLN B 253 15.65 6.53 -34.28
C GLN B 253 16.09 7.57 -33.26
N LYS B 254 15.86 8.85 -33.56
CA LYS B 254 16.15 9.93 -32.63
C LYS B 254 14.88 10.22 -31.81
N ILE B 255 14.89 9.84 -30.54
CA ILE B 255 13.75 10.06 -29.64
C ILE B 255 14.02 11.28 -28.77
N HIS B 256 13.32 12.39 -29.05
CA HIS B 256 13.60 13.67 -28.42
C HIS B 256 12.66 14.00 -27.25
N PHE B 257 11.55 13.30 -27.11
CA PHE B 257 10.49 13.66 -26.15
C PHE B 257 10.15 12.46 -25.29
N PRO B 258 10.42 12.51 -24.00
CA PRO B 258 9.98 11.43 -23.10
C PRO B 258 8.48 11.47 -22.94
N ASP B 259 7.95 10.38 -22.42
CA ASP B 259 6.51 10.27 -22.21
C ASP B 259 6.07 10.82 -20.87
N PHE B 260 7.01 11.26 -20.04
CA PHE B 260 6.77 11.93 -18.77
C PHE B 260 8.12 12.44 -18.28
N SER B 261 8.10 13.59 -17.62
CA SER B 261 9.33 14.14 -17.08
C SER B 261 9.02 14.84 -15.76
N THR B 262 9.88 14.70 -14.76
CA THR B 262 9.74 15.49 -13.54
C THR B 262 11.08 15.91 -12.93
N ARG B 263 11.11 17.11 -12.35
CA ARG B 263 12.19 17.52 -11.46
C ARG B 263 11.68 17.83 -10.05
N ASP B 264 10.53 17.27 -9.65
CA ASP B 264 9.93 17.60 -8.37
C ASP B 264 10.14 16.53 -7.30
N ILE B 265 11.00 15.56 -7.55
CA ILE B 265 11.25 14.51 -6.58
C ILE B 265 12.47 14.84 -5.72
N HIS B 266 13.57 15.23 -6.36
CA HIS B 266 14.81 15.58 -5.66
C HIS B 266 15.23 17.01 -6.04
N ARG B 267 16.07 17.58 -5.19
CA ARG B 267 16.58 18.93 -5.35
C ARG B 267 18.03 18.93 -5.83
N ASN B 268 18.54 17.79 -6.26
CA ASN B 268 19.94 17.63 -6.58
C ASN B 268 20.01 16.51 -7.60
N TYR B 269 21.23 16.11 -7.98
CA TYR B 269 21.37 15.04 -8.96
C TYR B 269 20.69 13.76 -8.47
N VAL B 270 20.36 12.90 -9.41
CA VAL B 270 19.69 11.63 -9.15
C VAL B 270 20.61 10.55 -9.69
N ASP B 271 21.23 9.75 -8.83
CA ASP B 271 22.27 8.85 -9.32
C ASP B 271 21.83 7.37 -9.37
N CYS B 272 20.55 7.08 -9.10
CA CYS B 272 20.06 5.71 -9.17
C CYS B 272 18.53 5.71 -9.21
N VAL B 273 17.97 4.90 -10.10
CA VAL B 273 16.51 4.75 -10.21
C VAL B 273 16.20 3.30 -10.51
N ARG B 274 15.18 2.76 -9.86
CA ARG B 274 14.68 1.43 -10.18
C ARG B 274 13.17 1.40 -10.09
N TRP B 275 12.55 0.61 -10.95
CA TRP B 275 11.12 0.37 -10.85
C TRP B 275 10.83 -0.57 -9.68
N LEU B 276 9.79 -0.26 -8.93
CA LEU B 276 9.23 -1.13 -7.90
C LEU B 276 7.80 -1.42 -8.35
N GLY B 277 7.62 -2.48 -9.11
CA GLY B 277 6.33 -2.67 -9.77
C GLY B 277 6.10 -1.50 -10.72
N ASP B 278 4.98 -0.80 -10.55
CA ASP B 278 4.70 0.42 -11.29
C ASP B 278 5.12 1.68 -10.52
N LEU B 279 5.63 1.52 -9.31
CA LEU B 279 6.19 2.65 -8.58
C LEU B 279 7.66 2.84 -8.95
N ILE B 280 8.22 3.97 -8.53
CA ILE B 280 9.62 4.26 -8.77
C ILE B 280 10.32 4.52 -7.45
N LEU B 281 11.52 3.93 -7.29
CA LEU B 281 12.46 4.28 -6.24
C LEU B 281 13.64 5.05 -6.86
N SER B 282 14.00 6.19 -6.29
CA SER B 282 15.14 6.90 -6.80
C SER B 282 15.83 7.64 -5.66
N LYS B 283 17.12 7.91 -5.82
CA LYS B 283 17.85 8.61 -4.77
C LYS B 283 18.72 9.73 -5.32
N SER B 284 18.91 10.74 -4.47
CA SER B 284 19.85 11.81 -4.64
C SER B 284 20.91 11.62 -3.56
N CYS B 285 21.57 12.70 -3.18
CA CYS B 285 22.60 12.66 -2.16
C CYS B 285 22.12 13.29 -0.86
N GLU B 286 20.81 13.23 -0.63
CA GLU B 286 20.18 13.77 0.56
C GLU B 286 19.83 12.69 1.57
N ASN B 287 20.47 11.53 1.48
CA ASN B 287 20.38 10.48 2.47
C ASN B 287 18.98 9.90 2.55
N ALA B 288 18.32 9.76 1.40
CA ALA B 288 17.05 9.04 1.36
C ALA B 288 16.79 8.52 -0.05
N ILE B 289 16.21 7.32 -0.12
CA ILE B 289 15.59 6.80 -1.34
C ILE B 289 14.11 7.16 -1.32
N VAL B 290 13.64 7.83 -2.38
CA VAL B 290 12.26 8.29 -2.45
C VAL B 290 11.45 7.32 -3.30
N CYS B 291 10.28 6.94 -2.79
CA CYS B 291 9.30 6.13 -3.51
C CYS B 291 8.17 7.00 -4.02
N TRP B 292 7.99 7.02 -5.34
CA TRP B 292 7.04 7.94 -5.93
C TRP B 292 6.40 7.32 -7.18
N LYS B 293 5.43 8.04 -7.75
CA LYS B 293 4.85 7.64 -9.02
C LYS B 293 4.36 8.87 -9.76
N PRO B 294 4.30 8.81 -11.09
CA PRO B 294 3.71 9.90 -11.86
C PRO B 294 2.22 10.01 -11.57
N GLY B 295 1.70 11.22 -11.69
CA GLY B 295 0.29 11.46 -11.52
C GLY B 295 -0.15 11.45 -10.08
N LYS B 296 -1.47 11.41 -9.90
CA LYS B 296 -2.10 11.27 -8.61
C LYS B 296 -2.04 9.81 -8.16
N MET B 297 -2.34 9.57 -6.88
CA MET B 297 -2.13 8.24 -6.29
C MET B 297 -2.90 7.16 -7.05
N GLU B 298 -4.13 7.49 -7.49
CA GLU B 298 -5.02 6.57 -8.17
C GLU B 298 -4.70 6.36 -9.65
N ASP B 299 -3.81 7.15 -10.25
CA ASP B 299 -3.64 7.15 -11.70
C ASP B 299 -2.87 5.92 -12.16
N ASP B 300 -3.37 5.29 -13.22
CA ASP B 300 -2.71 4.15 -13.83
C ASP B 300 -1.51 4.65 -14.62
N ILE B 301 -0.37 3.95 -14.47
CA ILE B 301 0.86 4.43 -15.09
C ILE B 301 0.73 4.48 -16.61
N ASP B 302 -0.02 3.56 -17.19
CA ASP B 302 -0.10 3.51 -18.64
C ASP B 302 -1.15 4.46 -19.21
N LYS B 303 -1.79 5.29 -18.38
CA LYS B 303 -2.62 6.38 -18.86
C LYS B 303 -2.03 7.75 -18.54
N ILE B 304 -0.83 7.80 -17.96
CA ILE B 304 -0.14 9.06 -17.77
C ILE B 304 0.18 9.67 -19.13
N LYS B 305 -0.25 10.91 -19.35
CA LYS B 305 0.07 11.66 -20.56
C LYS B 305 1.43 12.36 -20.45
N PRO B 306 2.07 12.67 -21.58
CA PRO B 306 3.38 13.33 -21.52
C PRO B 306 3.37 14.70 -20.86
N SER B 307 2.25 15.40 -20.92
CA SER B 307 2.10 16.71 -20.27
C SER B 307 1.75 16.63 -18.78
N GLU B 308 1.63 15.44 -18.21
CA GLU B 308 1.33 15.28 -16.79
C GLU B 308 2.33 16.04 -15.94
N SER B 309 1.83 16.91 -15.06
CA SER B 309 2.65 17.76 -14.23
C SER B 309 2.72 17.32 -12.77
N ASN B 310 1.89 16.36 -12.34
CA ASN B 310 1.85 15.91 -10.95
C ASN B 310 2.69 14.65 -10.72
N VAL B 311 3.18 14.52 -9.48
CA VAL B 311 3.75 13.29 -8.95
C VAL B 311 3.17 13.03 -7.57
N THR B 312 3.29 11.79 -7.11
CA THR B 312 2.85 11.40 -5.78
C THR B 312 4.01 10.72 -5.06
N ILE B 313 4.42 11.28 -3.93
CA ILE B 313 5.42 10.68 -3.06
C ILE B 313 4.72 9.77 -2.07
N LEU B 314 5.03 8.47 -2.10
CA LEU B 314 4.47 7.58 -1.10
C LEU B 314 5.25 7.62 0.20
N GLY B 315 6.55 7.85 0.14
CA GLY B 315 7.36 7.84 1.36
C GLY B 315 8.83 7.75 1.00
N ARG B 316 9.66 7.65 2.04
CA ARG B 316 11.12 7.66 1.93
CA ARG B 316 11.09 7.55 1.82
C ARG B 316 11.74 6.59 2.81
N PHE B 317 12.85 6.02 2.35
CA PHE B 317 13.74 5.20 3.16
C PHE B 317 14.91 6.09 3.58
N ASP B 318 14.95 6.46 4.85
CA ASP B 318 16.01 7.30 5.42
C ASP B 318 17.20 6.48 5.88
N TYR B 319 18.38 7.07 5.76
CA TYR B 319 19.64 6.47 6.20
C TYR B 319 20.62 7.62 6.44
N SER B 320 21.87 7.29 6.69
CA SER B 320 22.87 8.33 6.91
C SER B 320 24.19 7.98 6.22
N GLN B 321 25.04 9.00 6.09
CA GLN B 321 26.39 8.88 5.58
C GLN B 321 26.44 8.19 4.22
N CYS B 322 25.59 8.65 3.32
CA CYS B 322 25.62 8.20 1.94
C CYS B 322 25.21 9.39 1.05
N ASP B 323 26.05 10.42 1.09
CA ASP B 323 25.83 11.63 0.31
C ASP B 323 26.94 11.86 -0.72
N ILE B 324 27.74 10.84 -1.04
CA ILE B 324 28.78 10.99 -2.05
C ILE B 324 28.24 10.50 -3.39
N TRP B 325 28.84 11.01 -4.46
CA TRP B 325 28.33 10.79 -5.80
C TRP B 325 28.52 9.32 -6.24
N TYR B 326 27.48 8.77 -6.89
CA TYR B 326 27.49 7.45 -7.53
C TYR B 326 27.49 6.28 -6.55
N MET B 327 26.44 6.19 -5.73
CA MET B 327 26.19 5.09 -4.80
C MET B 327 24.86 4.47 -5.17
N ARG B 328 24.88 3.19 -5.53
CA ARG B 328 23.74 2.53 -6.14
C ARG B 328 23.11 1.54 -5.18
N PHE B 329 21.78 1.47 -5.21
CA PHE B 329 21.02 0.48 -4.47
C PHE B 329 20.52 -0.61 -5.40
N SER B 330 20.19 -1.74 -4.81
CA SER B 330 19.79 -2.94 -5.53
C SER B 330 18.59 -3.55 -4.83
N MET B 331 17.82 -4.32 -5.59
CA MET B 331 16.76 -5.15 -5.05
C MET B 331 17.00 -6.59 -5.48
N ASP B 332 16.37 -7.49 -4.75
CA ASP B 332 16.37 -8.89 -5.14
C ASP B 332 15.35 -9.13 -6.26
N PHE B 333 15.30 -10.36 -6.76
CA PHE B 333 14.53 -10.69 -7.95
C PHE B 333 13.05 -10.39 -7.76
N TRP B 334 12.48 -10.82 -6.65
CA TRP B 334 11.06 -10.59 -6.39
C TRP B 334 10.81 -9.25 -5.71
N GLN B 335 11.84 -8.42 -5.56
CA GLN B 335 11.71 -7.08 -5.01
C GLN B 335 11.09 -7.11 -3.62
N LYS B 336 11.50 -8.11 -2.83
CA LYS B 336 11.12 -8.17 -1.43
C LYS B 336 12.13 -7.48 -0.52
N MET B 337 13.32 -7.17 -1.01
CA MET B 337 14.37 -6.57 -0.21
C MET B 337 15.10 -5.53 -1.02
N LEU B 338 15.53 -4.48 -0.33
CA LEU B 338 16.19 -3.31 -0.88
C LEU B 338 17.47 -3.08 -0.09
N ALA B 339 18.62 -3.03 -0.78
CA ALA B 339 19.92 -2.87 -0.15
C ALA B 339 20.65 -1.65 -0.70
N LEU B 340 21.30 -0.89 0.18
CA LEU B 340 22.15 0.23 -0.16
C LEU B 340 23.33 0.24 0.79
N GLY B 341 24.54 0.33 0.24
CA GLY B 341 25.72 0.54 1.05
C GLY B 341 26.00 2.02 1.22
N ASN B 342 26.65 2.37 2.33
CA ASN B 342 26.94 3.78 2.58
C ASN B 342 28.45 4.00 2.51
N GLN B 343 28.86 5.26 2.69
CA GLN B 343 30.24 5.62 2.41
C GLN B 343 31.22 5.24 3.51
N VAL B 344 30.78 4.72 4.66
CA VAL B 344 31.74 4.24 5.65
C VAL B 344 31.53 2.75 5.94
N GLY B 345 31.02 2.00 4.96
CA GLY B 345 31.01 0.56 5.07
C GLY B 345 29.78 -0.06 5.70
N LYS B 346 28.76 0.72 6.03
CA LYS B 346 27.51 0.15 6.54
C LYS B 346 26.63 -0.24 5.35
N LEU B 347 25.92 -1.34 5.51
CA LEU B 347 25.08 -1.89 4.46
C LEU B 347 23.66 -1.98 5.00
N TYR B 348 22.75 -1.16 4.44
CA TYR B 348 21.35 -1.13 4.86
C TYR B 348 20.50 -2.08 4.04
N VAL B 349 19.65 -2.87 4.69
CA VAL B 349 18.70 -3.75 4.04
C VAL B 349 17.31 -3.47 4.61
N TRP B 350 16.32 -3.23 3.74
CA TRP B 350 14.93 -2.99 4.12
C TRP B 350 14.05 -4.14 3.64
N ASP B 351 13.12 -4.58 4.49
CA ASP B 351 12.06 -5.50 4.10
C ASP B 351 10.95 -4.73 3.39
N LEU B 352 10.73 -5.04 2.11
CA LEU B 352 9.75 -4.33 1.31
C LEU B 352 8.35 -4.93 1.39
N GLU B 353 8.23 -6.19 1.85
N GLU B 353 8.18 -6.13 1.96
CA GLU B 353 6.96 -6.86 2.01
CA GLU B 353 6.86 -6.76 1.99
C GLU B 353 6.20 -6.24 3.17
C GLU B 353 6.00 -6.31 3.18
N VAL B 354 5.70 -5.03 2.94
N VAL B 354 6.43 -5.30 3.94
CA VAL B 354 4.97 -4.26 3.93
CA VAL B 354 5.80 -4.98 5.22
C VAL B 354 3.87 -3.52 3.20
C VAL B 354 4.93 -3.74 5.08
N GLU B 355 2.68 -3.51 3.80
N GLU B 355 3.87 -3.69 5.89
CA GLU B 355 1.55 -2.85 3.15
CA GLU B 355 3.04 -2.49 6.01
C GLU B 355 1.72 -1.34 3.18
C GLU B 355 3.80 -1.41 6.78
N ASP B 356 2.03 -0.77 4.35
N ASP B 356 3.51 -0.16 6.44
CA ASP B 356 2.30 0.65 4.45
CA ASP B 356 4.30 1.00 6.87
C ASP B 356 3.78 0.90 4.19
C ASP B 356 5.78 0.77 6.55
N PRO B 357 4.14 1.73 3.20
N PRO B 357 6.12 0.53 5.28
CA PRO B 357 5.58 1.95 2.92
CA PRO B 357 7.51 0.15 4.97
C PRO B 357 6.35 2.57 4.08
C PRO B 357 8.49 1.31 5.07
N HIS B 358 5.67 3.17 5.06
N HIS B 358 8.05 2.51 4.68
CA HIS B 358 6.36 3.76 6.20
CA HIS B 358 8.90 3.70 4.75
C HIS B 358 6.73 2.75 7.28
C HIS B 358 9.19 4.11 6.19
N LYS B 359 6.33 1.49 7.12
N LYS B 359 8.36 3.66 7.13
CA LYS B 359 6.57 0.46 8.12
CA LYS B 359 8.55 3.93 8.55
C LYS B 359 7.65 -0.54 7.69
C LYS B 359 9.15 2.76 9.30
N ALA B 360 8.49 -0.17 6.71
N ALA B 360 9.39 1.64 8.63
CA ALA B 360 9.58 -1.05 6.28
CA ALA B 360 9.95 0.48 9.28
C ALA B 360 10.65 -1.12 7.35
C ALA B 360 11.46 0.58 9.35
N LYS B 361 10.89 -2.32 7.86
N LYS B 361 12.03 0.15 10.47
CA LYS B 361 11.95 -2.54 8.84
CA LYS B 361 13.47 0.13 10.63
C LYS B 361 13.33 -2.52 8.15
C LYS B 361 14.08 -0.89 9.67
N CYS B 362 14.32 -2.01 8.87
N CYS B 362 15.21 -0.53 9.09
CA CYS B 362 15.64 -1.74 8.32
CA CYS B 362 15.96 -1.46 8.27
C CYS B 362 16.71 -2.43 9.16
C CYS B 362 16.84 -2.34 9.15
N THR B 363 17.45 -3.34 8.54
CA THR B 363 18.57 -4.03 9.16
C THR B 363 19.86 -3.34 8.71
N THR B 364 20.74 -3.05 9.65
CA THR B 364 22.04 -2.46 9.34
C THR B 364 23.11 -3.52 9.54
N LEU B 365 23.86 -3.81 8.48
CA LEU B 365 24.92 -4.81 8.49
C LEU B 365 26.27 -4.10 8.51
N THR B 366 27.04 -4.37 9.55
CA THR B 366 28.38 -3.81 9.73
C THR B 366 29.36 -4.92 10.06
N HIS B 367 30.60 -4.73 9.62
CA HIS B 367 31.73 -5.54 10.05
C HIS B 367 32.90 -4.63 10.37
N HIS B 368 33.60 -4.88 11.49
CA HIS B 368 34.58 -3.90 11.96
C HIS B 368 35.74 -3.73 10.98
N LYS B 369 35.94 -4.67 10.06
CA LYS B 369 36.95 -4.53 9.02
C LYS B 369 36.42 -3.84 7.76
N CYS B 370 35.10 -3.61 7.68
CA CYS B 370 34.47 -3.03 6.49
C CYS B 370 34.22 -1.56 6.81
N GLY B 371 35.14 -0.69 6.40
CA GLY B 371 35.02 0.73 6.66
C GLY B 371 35.01 1.56 5.39
N ALA B 372 35.20 0.93 4.23
CA ALA B 372 35.28 1.67 2.99
C ALA B 372 33.91 1.81 2.35
N ALA B 373 33.80 2.75 1.41
CA ALA B 373 32.52 3.08 0.79
C ALA B 373 32.05 1.90 -0.08
N ILE B 374 30.81 1.48 0.14
CA ILE B 374 30.21 0.38 -0.62
C ILE B 374 29.52 0.96 -1.84
N ARG B 375 30.04 0.64 -3.04
CA ARG B 375 29.55 1.27 -4.25
C ARG B 375 28.30 0.60 -4.78
N GLN B 376 28.24 -0.72 -4.75
CA GLN B 376 27.07 -1.43 -5.24
C GLN B 376 26.99 -2.74 -4.49
N THR B 377 25.79 -3.32 -4.47
CA THR B 377 25.52 -4.62 -3.91
C THR B 377 24.72 -5.44 -4.91
N SER B 378 24.68 -6.74 -4.66
CA SER B 378 23.95 -7.63 -5.55
C SER B 378 23.48 -8.82 -4.76
N PHE B 379 22.19 -9.15 -4.91
CA PHE B 379 21.59 -10.35 -4.34
C PHE B 379 21.72 -11.49 -5.33
N SER B 380 21.97 -12.69 -4.83
CA SER B 380 21.84 -13.88 -5.65
C SER B 380 20.38 -14.09 -6.05
N ARG B 381 20.18 -14.91 -7.08
CA ARG B 381 18.86 -15.13 -7.67
C ARG B 381 17.83 -15.60 -6.63
N ASP B 382 18.26 -16.42 -5.67
CA ASP B 382 17.36 -16.93 -4.64
C ASP B 382 17.41 -16.13 -3.36
N SER B 383 18.08 -14.97 -3.38
CA SER B 383 18.15 -14.02 -2.28
C SER B 383 18.86 -14.57 -1.05
N SER B 384 19.59 -15.68 -1.17
CA SER B 384 20.29 -16.25 -0.03
C SER B 384 21.64 -15.57 0.22
N ILE B 385 22.21 -14.89 -0.78
CA ILE B 385 23.51 -14.25 -0.65
C ILE B 385 23.41 -12.80 -1.08
N LEU B 386 24.14 -11.93 -0.40
CA LEU B 386 24.25 -10.53 -0.74
C LEU B 386 25.73 -10.14 -0.75
N ILE B 387 26.21 -9.62 -1.88
CA ILE B 387 27.61 -9.26 -2.08
C ILE B 387 27.71 -7.73 -2.18
N ALA B 388 28.66 -7.15 -1.45
CA ALA B 388 28.98 -5.73 -1.55
C ALA B 388 30.41 -5.54 -2.00
N VAL B 389 30.67 -4.51 -2.83
CA VAL B 389 32.02 -4.21 -3.27
C VAL B 389 32.34 -2.75 -2.94
N CYS B 390 33.62 -2.45 -2.73
CA CYS B 390 34.05 -1.25 -2.03
C CYS B 390 35.11 -0.44 -2.79
N ASP B 391 35.23 0.83 -2.39
CA ASP B 391 36.22 1.73 -2.95
C ASP B 391 37.65 1.29 -2.69
N ASP B 392 37.87 0.39 -1.73
CA ASP B 392 39.22 -0.12 -1.45
C ASP B 392 39.45 -1.50 -2.05
N ALA B 393 38.65 -1.88 -3.05
CA ALA B 393 38.76 -3.14 -3.78
C ALA B 393 38.37 -4.36 -2.94
N SER B 394 37.71 -4.16 -1.80
CA SER B 394 37.26 -5.30 -1.01
C SER B 394 35.89 -5.77 -1.47
N ILE B 395 35.62 -7.05 -1.22
CA ILE B 395 34.38 -7.73 -1.54
C ILE B 395 33.87 -8.35 -0.26
N TRP B 396 32.59 -8.16 0.05
CA TRP B 396 32.04 -8.71 1.28
C TRP B 396 30.86 -9.62 0.94
N ARG B 397 30.82 -10.79 1.59
CA ARG B 397 29.77 -11.78 1.35
C ARG B 397 28.91 -11.95 2.60
N TRP B 398 27.61 -11.68 2.45
CA TRP B 398 26.62 -11.79 3.53
C TRP B 398 25.63 -12.90 3.19
N ASP B 399 25.42 -13.84 4.12
CA ASP B 399 24.54 -14.98 3.90
C ASP B 399 23.27 -14.85 4.75
N ARG B 400 22.11 -15.07 4.12
CA ARG B 400 20.85 -15.03 4.84
C ARG B 400 20.77 -16.29 5.69
N LEU B 401 20.63 -16.12 7.01
CA LEU B 401 20.73 -17.22 7.98
C LEU B 401 19.81 -18.40 7.65
C1 XB7 C . -8.07 -4.66 16.26
C10 XB7 C . -3.12 -1.40 6.40
C11 XB7 C . -4.57 -1.09 6.65
C12 XB7 C . -4.88 -1.17 8.13
C13 XB7 C . -2.27 -0.19 4.40
C14 XB7 C . -1.43 1.76 4.06
C15 XB7 C . -0.92 3.04 4.17
C16 XB7 C . -0.54 3.68 3.01
C17 XB7 C . -0.64 3.07 1.77
C18 XB7 C . -1.15 1.79 1.63
C19 XB7 C . -1.54 1.16 2.80
C2 XB7 C . -6.31 -4.20 14.70
C20 XB7 C . -2.39 -1.10 2.01
C21 XB7 C . -3.85 -1.03 1.64
C22 XB7 C . -4.43 0.14 1.21
C23 XB7 C . -5.76 0.21 0.88
C24 XB7 C . -6.52 -0.90 1.01
C25 XB7 C . -6.01 -2.10 1.44
C26 XB7 C . -4.66 -2.15 1.76
C27 XB7 C . -4.53 -4.00 13.10
C28 XB7 C . -4.95 -4.06 14.42
C3 XB7 C . -7.21 -4.27 13.66
C4 XB7 C . -6.77 -4.21 12.34
C5 XB7 C . -5.42 -4.07 12.05
C6 XB7 C . -4.95 -4.01 10.61
C7 XB7 C . -4.96 -2.58 10.07
C8 XB7 C . -3.14 -2.80 8.47
C9 XB7 C . -2.75 -2.73 6.99
F1 XB7 C . -7.84 -0.85 0.69
N1 XB7 C . -4.57 -2.49 8.66
N2 XB7 C . -2.80 -1.32 4.98
N3 XB7 C . -1.90 0.90 5.05
N4 XB7 C . -2.07 -0.10 3.03
O1 XB7 C . -6.72 -4.28 16.00
UNK UNX D . -18.45 20.33 31.98
UNK UNX E . -25.78 22.60 27.90
UNK UNX F . -21.78 21.59 19.72
UNK UNX G . -35.67 -17.60 4.61
UNK UNX H . -33.86 5.14 7.94
UNK UNX I . -14.49 -1.64 11.11
UNK UNX J . -31.09 11.15 22.46
UNK UNX K . -19.70 0.05 18.76
UNK UNX L . -20.94 -1.26 16.59
UNK UNX M . -24.29 24.13 35.88
UNK UNX N . -6.71 17.34 -2.77
UNK UNX O . -16.41 16.14 -4.38
UNK UNX P . -15.46 18.79 -4.67
UNK UNX Q . -22.29 -17.83 -3.88
UNK UNX R . -18.32 8.28 -4.68
UNK UNX S . -29.78 7.13 -3.46
UNK UNX T . -5.74 12.05 -4.81
UNK UNX U . -2.79 2.75 8.20
UNK UNX V . -5.63 2.15 -7.09
UNK UNX W . -23.84 11.83 -7.66
UNK UNX X . -12.71 -2.68 -7.21
UNK UNX Y . -19.27 -5.65 15.97
UNK UNX Z . -25.67 15.32 31.24
UNK UNX AA . -12.90 0.60 11.67
UNK UNX BA . -4.93 19.59 23.36
UNK UNX CA . -32.80 5.78 -2.44
UNK UNX DA . -6.09 18.15 13.34
C1 XB7 EA . 9.85 -10.71 -11.49
C10 XB7 EA . 4.08 -3.50 -4.56
C11 XB7 EA . 5.42 -3.00 -5.03
C12 XB7 EA . 5.83 -3.71 -6.30
C13 XB7 EA . 2.84 -1.77 -3.24
C14 XB7 EA . 1.44 -0.21 -3.70
C15 XB7 EA . 0.53 0.65 -4.30
C16 XB7 EA . -0.01 1.64 -3.52
C17 XB7 EA . 0.31 1.77 -2.17
C18 XB7 EA . 1.20 0.92 -1.55
C19 XB7 EA . 1.74 -0.07 -2.34
C2 XB7 EA . 8.05 -9.60 -10.36
C20 XB7 EA . 3.29 -1.33 -0.76
C21 XB7 EA . 4.68 -0.74 -0.70
C22 XB7 EA . 4.95 0.47 -1.30
C23 XB7 EA . 6.22 1.02 -1.26
C24 XB7 EA . 7.19 0.34 -0.60
C25 XB7 EA . 6.97 -0.87 -0.01
C26 XB7 EA . 5.69 -1.41 -0.06
C27 XB7 EA . 6.26 -8.76 -9.00
C28 XB7 EA . 6.69 -9.49 -10.09
C3 XB7 EA . 8.96 -8.98 -9.51
C4 XB7 EA . 8.51 -8.25 -8.43
C5 XB7 EA . 7.16 -8.12 -8.16
C6 XB7 EA . 6.67 -7.34 -6.97
C7 XB7 EA . 6.44 -5.86 -7.25
C8 XB7 EA . 4.59 -5.66 -5.70
C9 XB7 EA . 4.08 -5.00 -4.42
F1 XB7 EA . 8.44 0.86 -0.56
N1 XB7 EA . 5.90 -5.16 -6.07
N2 XB7 EA . 3.70 -2.84 -3.31
N3 XB7 EA . 2.14 -1.29 -4.25
N4 XB7 EA . 2.65 -1.08 -2.06
O1 XB7 EA . 8.46 -10.35 -11.43
UNK UNX FA . 11.73 -3.46 -13.16
UNK UNX GA . 23.87 -3.34 -14.63
UNK UNX HA . 24.62 9.66 -27.87
UNK UNX IA . 17.37 2.68 -41.21
UNK UNX JA . 24.20 -11.99 -29.27
UNK UNX KA . 32.48 7.53 -12.04
UNK UNX LA . 31.35 12.85 -14.38
UNK UNX MA . 39.50 -5.33 3.40
UNK UNX NA . 22.00 -7.81 -8.96
UNK UNX OA . 20.50 -7.36 -6.66
UNK UNX PA . 21.48 -8.92 -11.60
UNK UNX QA . 39.99 1.57 -24.93
UNK UNX RA . 31.11 -18.76 -16.61
UNK UNX SA . 14.90 1.78 -38.33
UNK UNX TA . 22.25 8.90 -37.57
UNK UNX UA . 31.11 13.22 -4.04
UNK UNX VA . 35.94 4.61 1.00
UNK UNX WA . 27.54 14.74 -3.48
UNK UNX XA . 25.28 19.41 -3.36
UNK UNX YA . 6.37 16.77 -11.62
UNK UNX ZA . 16.17 2.51 -35.96
UNK UNX AB . 13.54 -2.82 -11.05
UNK UNX BB . 35.48 -11.27 6.80
UNK UNX CB . -5.71 9.73 -6.51
UNK UNX DB . 14.79 13.60 0.48
#